data_6P6W
#
_entry.id   6P6W
#
_cell.length_a   1.00
_cell.length_b   1.00
_cell.length_c   1.00
_cell.angle_alpha   90.00
_cell.angle_beta   90.00
_cell.angle_gamma   90.00
#
_symmetry.space_group_name_H-M   'P 1'
#
_entity_poly.entity_id   1
_entity_poly.type   'polypeptide(L)'
_entity_poly.pdbx_seq_one_letter_code
;MKIKTGARILALSALTTMMFSASALAKIEEGKLVIWINGDKGYNGLAEVGKKFEKDTGIKVTVEHPDKLEEKFPQVAATG
DGPDIIFWAHDRFGGYAQSGLLAEITPDKAFQDKLYPFTWDAVRYNGKLIAYPIAVEALSLIYNKDLLPNPPKTWEEIPA
LDKELKAKGKSALMFNLQEPYFTWPLIAADGGYAFKYENGKYDIKDVGVDNAGAKAGLTFLVDLIKNKHMNADTDYSIAE
AAFNKGETAMTINGPWAWSNIDTSKVNYGVTVLPTFKGQPSKPFVGVLSAGINAASPNKELAKEFLENYLLTDEGLEAVN
KDKPLGAVALKSYEEELAKDPRIAATMENAQKGEIMPNIPQMSAFWYAVRTAVINAASGRQTVDEALKDAQTNAMYLAIT
NIVESSFFTKFIIYLIVLNGITMGLETSKTFMQSFGVYTTLFKQIVITIFTIEIILRIYVHRISFFKDPWSLFDFFVVAI
SLVPTSSCFEILRVLRVLRLFRAVTAVPQVRKIVSALISVIPGMLSVIALMTLFFYIFAIMATCLFGERFPEWFGTLGES
FYTLFQVMTLESWSMGIVRPLMEVYPYAWVFFIPFIFVVTFVMINLVVAIIVDAMAILNQKEEQHIIDEVQSHEDNINNE
IIKLREEIVELKELIKTSLKN
;
_entity_poly.pdbx_strand_id   A,B,C,D
#
# COMPACT_ATOMS: atom_id res chain seq x y z
N MET A 395 22.91 36.07 40.45
CA MET A 395 23.16 34.96 41.35
C MET A 395 22.73 33.65 40.71
N TYR A 396 22.86 32.55 41.47
CA TYR A 396 22.49 31.23 40.99
C TYR A 396 21.02 31.15 40.66
N LEU A 397 20.17 31.65 41.57
CA LEU A 397 18.73 31.65 41.34
C LEU A 397 18.35 32.57 40.19
N ALA A 398 19.03 33.70 40.05
CA ALA A 398 18.71 34.63 38.97
C ALA A 398 19.08 34.06 37.62
N ILE A 399 20.20 33.33 37.53
CA ILE A 399 20.55 32.71 36.25
C ILE A 399 19.60 31.55 35.94
N THR A 400 19.18 30.81 36.96
CA THR A 400 18.18 29.76 36.71
C THR A 400 16.83 30.35 36.36
N ASN A 401 16.56 31.60 36.72
CA ASN A 401 15.39 32.28 36.16
C ASN A 401 15.64 32.70 34.72
N ILE A 402 16.81 33.26 34.44
CA ILE A 402 17.06 33.89 33.15
C ILE A 402 17.24 32.86 32.05
N VAL A 403 17.52 31.60 32.39
CA VAL A 403 17.52 30.58 31.35
C VAL A 403 16.10 30.27 30.91
N GLU A 404 15.16 30.28 31.84
CA GLU A 404 13.77 29.96 31.56
C GLU A 404 12.98 31.19 31.15
N SER A 405 13.64 32.29 30.84
CA SER A 405 12.94 33.50 30.40
C SER A 405 12.34 33.27 29.02
N SER A 406 11.04 33.54 28.91
CA SER A 406 10.32 33.29 27.66
C SER A 406 10.79 34.19 26.54
N PHE A 407 11.27 35.40 26.89
CA PHE A 407 11.84 36.31 25.90
C PHE A 407 13.04 35.71 25.21
N PHE A 408 14.04 35.29 25.99
CA PHE A 408 15.27 34.79 25.39
C PHE A 408 15.09 33.40 24.81
N THR A 409 14.19 32.60 25.37
CA THR A 409 13.91 31.27 24.80
C THR A 409 13.20 31.39 23.46
N LYS A 410 12.20 32.28 23.37
CA LYS A 410 11.57 32.54 22.08
C LYS A 410 12.55 33.23 21.13
N PHE A 411 13.56 33.92 21.65
CA PHE A 411 14.62 34.44 20.80
C PHE A 411 15.48 33.31 20.22
N ILE A 412 15.76 32.28 21.02
CA ILE A 412 16.44 31.08 20.50
C ILE A 412 15.62 30.43 19.40
N ILE A 413 14.29 30.37 19.60
CA ILE A 413 13.41 29.82 18.58
C ILE A 413 13.41 30.69 17.33
N TYR A 414 13.47 32.01 17.51
CA TYR A 414 13.52 32.96 16.41
C TYR A 414 14.78 32.77 15.57
N LEU A 415 15.94 32.72 16.22
CA LEU A 415 17.17 32.57 15.47
C LEU A 415 17.33 31.16 14.90
N ILE A 416 16.70 30.15 15.51
CA ILE A 416 16.85 28.82 14.93
C ILE A 416 15.93 28.64 13.72
N VAL A 417 14.76 29.28 13.69
CA VAL A 417 13.98 29.22 12.45
C VAL A 417 14.60 30.15 11.40
N LEU A 418 15.31 31.20 11.83
CA LEU A 418 16.07 32.03 10.90
C LEU A 418 17.20 31.24 10.24
N ASN A 419 17.92 30.45 11.02
CA ASN A 419 18.94 29.63 10.40
C ASN A 419 18.34 28.49 9.59
N GLY A 420 17.14 28.02 9.94
CA GLY A 420 16.47 27.05 9.10
C GLY A 420 16.14 27.60 7.73
N ILE A 421 15.64 28.83 7.67
CA ILE A 421 15.32 29.35 6.36
C ILE A 421 16.56 29.80 5.59
N THR A 422 17.67 30.16 6.25
CA THR A 422 18.85 30.44 5.43
C THR A 422 19.57 29.16 5.02
N MET A 423 19.35 28.05 5.75
CA MET A 423 19.72 26.76 5.18
C MET A 423 18.83 26.38 4.00
N GLY A 424 17.58 26.84 4.00
CA GLY A 424 16.77 26.73 2.80
C GLY A 424 17.27 27.61 1.67
N LEU A 425 17.91 28.72 2.01
CA LEU A 425 18.47 29.63 1.01
C LEU A 425 19.85 29.22 0.50
N GLU A 426 20.59 28.40 1.27
CA GLU A 426 21.93 27.98 0.86
C GLU A 426 21.93 27.09 -0.37
N THR A 427 20.81 26.44 -0.66
CA THR A 427 20.71 25.65 -1.89
C THR A 427 20.80 26.52 -3.12
N SER A 428 20.20 27.70 -3.09
CA SER A 428 20.34 28.66 -4.18
C SER A 428 21.75 29.23 -4.15
N LYS A 429 22.59 28.80 -5.10
CA LYS A 429 23.99 29.14 -5.12
C LYS A 429 24.22 30.62 -5.40
N THR A 430 23.33 31.26 -6.16
CA THR A 430 23.47 32.68 -6.44
C THR A 430 23.29 33.52 -5.19
N PHE A 431 22.38 33.11 -4.30
CA PHE A 431 22.17 33.84 -3.06
C PHE A 431 23.38 33.71 -2.15
N MET A 432 24.08 32.58 -2.22
CA MET A 432 25.34 32.41 -1.51
C MET A 432 26.49 33.16 -2.18
N GLN A 433 26.40 33.39 -3.48
CA GLN A 433 27.38 34.25 -4.13
C GLN A 433 27.18 35.70 -3.72
N SER A 434 25.93 36.11 -3.53
CA SER A 434 25.64 37.50 -3.20
C SER A 434 25.95 37.82 -1.75
N PHE A 435 25.52 36.97 -0.83
CA PHE A 435 25.59 37.30 0.60
C PHE A 435 26.43 36.31 1.40
N GLY A 436 27.60 35.92 0.88
CA GLY A 436 28.29 34.74 1.40
C GLY A 436 28.88 34.93 2.78
N VAL A 437 29.65 36.01 2.98
CA VAL A 437 30.32 36.27 4.25
C VAL A 437 29.28 36.54 5.34
N TYR A 438 28.20 37.22 4.98
CA TYR A 438 27.10 37.47 5.90
C TYR A 438 26.44 36.17 6.34
N THR A 439 26.18 35.26 5.39
CA THR A 439 25.52 34.01 5.74
C THR A 439 26.41 33.08 6.55
N THR A 440 27.71 33.00 6.23
CA THR A 440 28.56 32.14 7.05
C THR A 440 28.83 32.76 8.41
N LEU A 441 28.75 34.10 8.51
CA LEU A 441 28.77 34.76 9.80
C LEU A 441 27.54 34.38 10.62
N PHE A 442 26.37 34.36 9.97
CA PHE A 442 25.13 33.93 10.61
C PHE A 442 25.25 32.50 11.14
N LYS A 443 25.79 31.62 10.29
CA LYS A 443 25.98 30.21 10.64
C LYS A 443 26.87 30.05 11.87
N GLN A 444 28.10 30.61 11.80
CA GLN A 444 29.07 30.44 12.87
C GLN A 444 28.59 31.05 14.19
N ILE A 445 27.93 32.22 14.11
CA ILE A 445 27.47 32.88 15.32
C ILE A 445 26.34 32.10 15.97
N VAL A 446 25.37 31.61 15.18
CA VAL A 446 24.29 30.87 15.84
C VAL A 446 24.75 29.49 16.30
N ILE A 447 25.79 28.92 15.70
CA ILE A 447 26.30 27.67 16.24
C ILE A 447 27.02 27.90 17.58
N THR A 448 27.82 28.96 17.70
CA THR A 448 28.55 29.14 18.96
C THR A 448 27.60 29.61 20.07
N ILE A 449 26.59 30.42 19.74
CA ILE A 449 25.66 30.79 20.79
C ILE A 449 24.68 29.67 21.09
N PHE A 450 24.48 28.74 20.15
CA PHE A 450 23.70 27.54 20.44
C PHE A 450 24.43 26.66 21.44
N THR A 451 25.73 26.50 21.23
CA THR A 451 26.57 25.79 22.20
C THR A 451 26.54 26.48 23.56
N ILE A 452 26.54 27.82 23.56
CA ILE A 452 26.49 28.61 24.79
C ILE A 452 25.19 28.33 25.55
N GLU A 453 24.05 28.39 24.86
CA GLU A 453 22.79 28.23 25.58
C GLU A 453 22.57 26.78 26.03
N ILE A 454 23.03 25.80 25.26
CA ILE A 454 22.89 24.41 25.70
C ILE A 454 23.78 24.15 26.92
N ILE A 455 25.01 24.66 26.93
CA ILE A 455 25.86 24.40 28.09
C ILE A 455 25.44 25.26 29.28
N LEU A 456 24.72 26.36 29.05
CA LEU A 456 24.12 27.09 30.16
C LEU A 456 22.93 26.31 30.72
N ARG A 457 22.19 25.59 29.85
CA ARG A 457 21.16 24.68 30.33
C ARG A 457 21.75 23.55 31.15
N ILE A 458 22.98 23.15 30.84
CA ILE A 458 23.66 22.20 31.70
C ILE A 458 24.05 22.84 33.03
N TYR A 459 24.58 24.06 32.98
CA TYR A 459 25.04 24.74 34.19
C TYR A 459 23.92 25.05 35.17
N VAL A 460 22.69 25.19 34.69
CA VAL A 460 21.60 25.44 35.62
C VAL A 460 21.01 24.14 36.15
N HIS A 461 21.06 23.06 35.37
CA HIS A 461 20.32 21.85 35.69
C HIS A 461 21.17 20.62 35.47
N ARG A 462 22.40 20.67 36.00
CA ARG A 462 23.43 19.61 35.97
C ARG A 462 22.93 18.17 36.03
N ILE A 463 21.97 17.88 36.89
CA ILE A 463 21.27 16.59 36.85
C ILE A 463 19.77 16.75 36.69
N SER A 464 19.21 17.95 36.90
CA SER A 464 17.79 18.20 36.71
C SER A 464 17.38 18.22 35.25
N PHE A 465 18.34 18.24 34.34
CA PHE A 465 18.13 18.29 32.91
C PHE A 465 18.00 16.89 32.32
N PHE A 466 17.96 15.86 33.16
CA PHE A 466 18.09 14.49 32.70
C PHE A 466 16.75 13.90 32.27
N LYS A 467 15.67 14.22 32.98
CA LYS A 467 14.40 13.52 32.81
C LYS A 467 13.68 13.88 31.52
N ASP A 468 14.06 14.97 30.84
CA ASP A 468 13.35 15.44 29.66
C ASP A 468 13.81 14.69 28.43
N PRO A 469 12.91 14.06 27.68
CA PRO A 469 13.32 13.48 26.38
C PRO A 469 13.60 14.54 25.34
N TRP A 470 13.06 15.75 25.51
CA TRP A 470 13.44 16.86 24.65
C TRP A 470 14.87 17.27 24.92
N SER A 471 15.33 17.11 26.16
CA SER A 471 16.74 17.31 26.48
C SER A 471 17.60 16.23 25.85
N LEU A 472 17.10 15.00 25.80
CA LEU A 472 17.76 13.93 25.05
C LEU A 472 17.87 14.31 23.59
N PHE A 473 16.82 14.91 23.04
CA PHE A 473 16.80 15.35 21.65
C PHE A 473 17.85 16.43 21.38
N ASP A 474 17.84 17.50 22.18
CA ASP A 474 18.76 18.60 21.90
C ASP A 474 20.20 18.24 22.24
N PHE A 475 20.42 17.37 23.22
CA PHE A 475 21.79 16.94 23.48
C PHE A 475 22.28 15.96 22.43
N PHE A 476 21.37 15.18 21.83
CA PHE A 476 21.75 14.39 20.65
C PHE A 476 22.18 15.31 19.52
N VAL A 477 21.41 16.39 19.31
CA VAL A 477 21.70 17.35 18.24
C VAL A 477 23.05 18.03 18.47
N VAL A 478 23.38 18.35 19.72
CA VAL A 478 24.66 18.97 19.98
C VAL A 478 25.81 17.95 19.89
N ALA A 479 25.65 16.79 20.53
CA ALA A 479 26.76 15.86 20.70
C ALA A 479 27.12 15.13 19.43
N ILE A 480 26.14 14.62 18.68
CA ILE A 480 26.45 13.89 17.46
C ILE A 480 26.90 14.84 16.36
N SER A 481 26.33 16.04 16.32
CA SER A 481 26.72 17.05 15.33
C SER A 481 27.65 18.10 15.92
N LEU A 482 28.59 17.69 16.77
CA LEU A 482 29.53 18.65 17.32
C LEU A 482 30.62 19.01 16.33
N VAL A 483 31.06 18.04 15.54
CA VAL A 483 32.21 18.26 14.66
C VAL A 483 31.72 18.78 13.30
N PRO A 484 32.19 19.94 12.85
CA PRO A 484 31.87 20.41 11.50
C PRO A 484 32.90 20.03 10.44
N THR A 485 34.04 19.46 10.82
CA THR A 485 35.05 19.01 9.86
C THR A 485 34.68 17.62 9.37
N SER A 486 33.65 17.59 8.52
CA SER A 486 33.07 16.36 8.00
C SER A 486 32.38 16.71 6.68
N SER A 487 31.49 15.84 6.21
CA SER A 487 30.80 16.02 4.94
C SER A 487 29.57 16.93 5.07
N CYS A 488 29.82 18.15 5.56
CA CYS A 488 28.88 19.30 5.66
C CYS A 488 27.57 18.99 6.39
N PHE A 489 27.44 17.89 7.13
CA PHE A 489 26.12 17.50 7.60
C PHE A 489 25.80 18.06 8.98
N GLU A 490 26.35 19.23 9.34
CA GLU A 490 25.96 19.92 10.55
C GLU A 490 24.48 20.32 10.53
N ILE A 491 23.97 20.62 9.34
CA ILE A 491 22.69 21.31 9.15
C ILE A 491 21.48 20.53 9.64
N LEU A 492 21.64 19.28 10.07
CA LEU A 492 20.53 18.59 10.71
C LEU A 492 20.17 19.19 12.08
N ARG A 493 21.00 20.10 12.62
CA ARG A 493 20.59 20.86 13.80
C ARG A 493 19.41 21.79 13.52
N VAL A 494 19.08 22.06 12.24
CA VAL A 494 17.81 22.69 11.88
C VAL A 494 16.60 21.91 12.43
N LEU A 495 16.75 20.58 12.55
CA LEU A 495 15.73 19.72 13.18
C LEU A 495 15.38 20.13 14.61
N ARG A 496 16.22 20.94 15.26
CA ARG A 496 15.92 21.58 16.54
C ARG A 496 14.58 22.31 16.54
N VAL A 497 14.16 22.87 15.40
CA VAL A 497 12.87 23.58 15.34
C VAL A 497 11.66 22.69 15.55
N LEU A 498 11.87 21.35 15.58
CA LEU A 498 10.84 20.42 16.02
C LEU A 498 10.33 20.73 17.42
N ARG A 499 11.16 21.38 18.26
CA ARG A 499 10.74 21.86 19.58
C ARG A 499 9.50 22.76 19.49
N LEU A 500 9.42 23.58 18.43
CA LEU A 500 8.26 24.45 18.26
C LEU A 500 6.98 23.66 18.06
N PHE A 501 7.07 22.46 17.48
CA PHE A 501 5.89 21.63 17.31
C PHE A 501 5.46 20.94 18.60
N ARG A 502 6.08 21.24 19.75
CA ARG A 502 5.42 20.93 21.00
C ARG A 502 4.18 21.78 21.18
N ALA A 503 4.22 23.04 20.71
CA ALA A 503 3.11 23.96 20.92
C ALA A 503 1.87 23.60 20.11
N VAL A 504 2.00 22.73 19.11
CA VAL A 504 0.85 22.26 18.37
C VAL A 504 0.39 20.89 18.89
N THR A 505 1.18 20.24 19.76
CA THR A 505 0.76 18.93 20.24
C THR A 505 -0.32 19.00 21.31
N ALA A 506 -0.61 20.19 21.85
CA ALA A 506 -1.52 20.24 22.99
C ALA A 506 -2.99 20.22 22.58
N VAL A 507 -3.45 21.25 21.87
CA VAL A 507 -4.89 21.45 21.72
C VAL A 507 -5.56 20.64 20.61
N PRO A 508 -5.20 20.74 19.31
CA PRO A 508 -6.17 20.37 18.28
C PRO A 508 -6.10 18.89 17.88
N GLN A 509 -6.47 18.01 18.83
CA GLN A 509 -6.86 16.61 18.61
C GLN A 509 -5.69 15.71 18.18
N VAL A 510 -4.51 16.26 17.93
CA VAL A 510 -3.35 15.42 17.60
C VAL A 510 -2.73 14.80 18.84
N ARG A 511 -3.21 15.19 20.03
CA ARG A 511 -2.73 14.59 21.27
C ARG A 511 -3.04 13.11 21.33
N LYS A 512 -4.20 12.71 20.81
CA LYS A 512 -4.56 11.29 20.77
C LYS A 512 -3.67 10.54 19.79
N ILE A 513 -3.30 11.17 18.67
CA ILE A 513 -2.45 10.52 17.68
C ILE A 513 -1.03 10.34 18.23
N VAL A 514 -0.49 11.36 18.90
CA VAL A 514 0.86 11.21 19.41
C VAL A 514 0.87 10.33 20.65
N SER A 515 -0.26 10.24 21.37
CA SER A 515 -0.36 9.29 22.46
C SER A 515 -0.40 7.86 21.93
N ALA A 516 -1.07 7.64 20.79
CA ALA A 516 -1.03 6.33 20.14
C ALA A 516 0.36 6.01 19.65
N LEU A 517 1.07 7.00 19.10
CA LEU A 517 2.44 6.78 18.64
C LEU A 517 3.38 6.49 19.79
N ILE A 518 3.14 7.07 20.97
CA ILE A 518 3.97 6.77 22.13
C ILE A 518 3.63 5.40 22.71
N SER A 519 2.35 5.06 22.75
CA SER A 519 1.95 3.78 23.33
C SER A 519 2.16 2.59 22.39
N VAL A 520 2.45 2.82 21.11
CA VAL A 520 2.63 1.71 20.18
C VAL A 520 4.03 1.10 20.26
N ILE A 521 4.91 1.68 21.06
CA ILE A 521 6.31 1.25 21.22
C ILE A 521 6.51 -0.22 21.64
N PRO A 522 5.95 -0.74 22.75
CA PRO A 522 6.40 -2.04 23.24
C PRO A 522 5.87 -3.24 22.46
N GLY A 523 5.11 -3.02 21.40
CA GLY A 523 4.76 -4.10 20.49
C GLY A 523 5.47 -3.93 19.16
N MET A 524 5.65 -2.67 18.74
CA MET A 524 6.31 -2.40 17.47
C MET A 524 7.81 -2.72 17.55
N LEU A 525 8.41 -2.63 18.74
CA LEU A 525 9.80 -3.05 18.87
C LEU A 525 9.95 -4.56 18.71
N SER A 526 9.01 -5.34 19.25
CA SER A 526 9.04 -6.79 19.02
C SER A 526 8.74 -7.13 17.56
N VAL A 527 7.89 -6.32 16.91
CA VAL A 527 7.60 -6.51 15.49
C VAL A 527 8.87 -6.29 14.65
N ILE A 528 9.62 -5.22 14.96
CA ILE A 528 10.83 -4.97 14.19
C ILE A 528 11.93 -5.95 14.56
N ALA A 529 11.91 -6.54 15.76
CA ALA A 529 12.88 -7.58 16.08
C ALA A 529 12.57 -8.86 15.32
N LEU A 530 11.29 -9.21 15.20
CA LEU A 530 10.89 -10.34 14.38
C LEU A 530 11.25 -10.12 12.91
N MET A 531 11.07 -8.89 12.43
CA MET A 531 11.42 -8.58 11.04
C MET A 531 12.92 -8.66 10.82
N THR A 532 13.71 -8.27 11.84
CA THR A 532 15.16 -8.38 11.74
C THR A 532 15.60 -9.84 11.71
N LEU A 533 14.93 -10.70 12.49
CA LEU A 533 15.23 -12.12 12.46
C LEU A 533 14.90 -12.74 11.10
N PHE A 534 13.74 -12.36 10.53
CA PHE A 534 13.37 -12.86 9.20
C PHE A 534 14.36 -12.42 8.14
N PHE A 535 14.76 -11.13 8.17
CA PHE A 535 15.75 -10.65 7.22
C PHE A 535 17.10 -11.31 7.42
N TYR A 536 17.44 -11.65 8.66
CA TYR A 536 18.69 -12.34 8.96
C TYR A 536 18.72 -13.73 8.33
N ILE A 537 17.69 -14.54 8.60
CA ILE A 537 17.69 -15.91 8.10
C ILE A 537 17.53 -15.93 6.59
N PHE A 538 16.72 -15.03 6.03
CA PHE A 538 16.54 -15.05 4.59
C PHE A 538 17.74 -14.47 3.87
N ALA A 539 18.48 -13.56 4.51
CA ALA A 539 19.70 -13.05 3.90
C ALA A 539 20.80 -14.09 3.89
N ILE A 540 20.92 -14.87 4.97
CA ILE A 540 21.93 -15.93 4.98
C ILE A 540 21.55 -17.05 4.01
N MET A 541 20.25 -17.36 3.89
CA MET A 541 19.82 -18.37 2.92
C MET A 541 20.04 -17.89 1.49
N ALA A 542 19.74 -16.61 1.22
CA ALA A 542 19.98 -16.05 -0.11
C ALA A 542 21.45 -15.98 -0.43
N THR A 543 22.32 -15.78 0.56
CA THR A 543 23.73 -15.72 0.27
C THR A 543 24.31 -17.11 0.07
N CYS A 544 23.75 -18.12 0.73
CA CYS A 544 24.19 -19.48 0.47
C CYS A 544 23.74 -19.95 -0.91
N LEU A 545 22.58 -19.48 -1.36
CA LEU A 545 22.09 -19.94 -2.67
C LEU A 545 22.68 -19.14 -3.82
N PHE A 546 22.46 -17.82 -3.85
CA PHE A 546 22.78 -17.01 -5.02
C PHE A 546 24.09 -16.26 -4.82
N GLY A 547 25.05 -16.91 -4.18
CA GLY A 547 26.28 -16.23 -3.78
C GLY A 547 27.27 -15.97 -4.89
N GLU A 548 27.79 -17.04 -5.49
CA GLU A 548 28.93 -16.93 -6.40
C GLU A 548 28.56 -16.29 -7.72
N ARG A 549 27.58 -16.86 -8.43
CA ARG A 549 27.30 -16.47 -9.80
C ARG A 549 26.56 -15.15 -9.94
N PHE A 550 26.32 -14.43 -8.86
CA PHE A 550 25.65 -13.13 -8.92
C PHE A 550 26.56 -12.07 -8.33
N PRO A 551 26.83 -11.00 -9.05
CA PRO A 551 27.99 -10.16 -8.73
C PRO A 551 27.79 -9.13 -7.62
N GLU A 552 26.63 -8.50 -7.55
CA GLU A 552 26.47 -7.29 -6.76
C GLU A 552 25.26 -7.30 -5.84
N TRP A 553 24.27 -8.14 -6.10
CA TRP A 553 23.06 -8.16 -5.29
C TRP A 553 23.14 -9.15 -4.13
N PHE A 554 24.12 -10.06 -4.14
CA PHE A 554 24.21 -11.06 -3.10
C PHE A 554 25.65 -11.32 -2.68
N GLY A 555 26.50 -10.30 -2.73
CA GLY A 555 27.89 -10.49 -2.39
C GLY A 555 28.15 -10.70 -0.92
N THR A 556 27.97 -9.65 -0.12
CA THR A 556 28.25 -9.71 1.31
C THR A 556 26.97 -10.11 2.05
N LEU A 557 26.96 -9.90 3.36
CA LEU A 557 25.72 -10.06 4.11
C LEU A 557 24.89 -8.79 4.05
N GLY A 558 25.55 -7.62 4.09
CA GLY A 558 24.83 -6.37 4.10
C GLY A 558 24.13 -6.08 2.79
N GLU A 559 24.78 -6.40 1.67
CA GLU A 559 24.16 -6.17 0.38
C GLU A 559 23.03 -7.16 0.10
N SER A 560 23.14 -8.39 0.61
CA SER A 560 22.05 -9.35 0.46
C SER A 560 20.86 -8.95 1.31
N PHE A 561 21.12 -8.47 2.53
CA PHE A 561 20.08 -7.88 3.36
C PHE A 561 19.44 -6.70 2.65
N TYR A 562 20.24 -5.88 1.96
CA TYR A 562 19.72 -4.74 1.23
C TYR A 562 18.82 -5.17 0.08
N THR A 563 19.23 -6.19 -0.67
CA THR A 563 18.44 -6.66 -1.80
C THR A 563 17.13 -7.27 -1.35
N LEU A 564 17.15 -8.05 -0.26
CA LEU A 564 15.88 -8.59 0.22
C LEU A 564 15.02 -7.52 0.89
N PHE A 565 15.64 -6.46 1.42
CA PHE A 565 14.87 -5.31 1.86
C PHE A 565 14.19 -4.63 0.68
N GLN A 566 14.88 -4.55 -0.46
CA GLN A 566 14.28 -3.93 -1.63
C GLN A 566 13.18 -4.81 -2.21
N VAL A 567 13.29 -6.13 -2.04
CA VAL A 567 12.19 -7.02 -2.39
C VAL A 567 11.00 -6.77 -1.46
N MET A 568 11.27 -6.43 -0.19
CA MET A 568 10.18 -6.01 0.69
C MET A 568 9.57 -4.68 0.25
N THR A 569 10.37 -3.75 -0.28
CA THR A 569 9.80 -2.49 -0.75
C THR A 569 9.05 -2.62 -2.06
N LEU A 570 9.07 -3.80 -2.69
CA LEU A 570 8.19 -4.19 -3.79
C LEU A 570 8.36 -3.27 -4.99
N GLU A 571 9.55 -3.35 -5.57
CA GLU A 571 9.79 -2.70 -6.85
C GLU A 571 10.81 -3.49 -7.64
N SER A 572 10.37 -3.98 -8.80
CA SER A 572 11.22 -4.65 -9.79
C SER A 572 11.93 -5.86 -9.20
N TRP A 573 11.22 -6.59 -8.35
CA TRP A 573 11.71 -7.89 -8.00
C TRP A 573 11.60 -8.84 -9.18
N SER A 574 10.64 -8.62 -10.08
CA SER A 574 10.56 -9.46 -11.26
C SER A 574 11.57 -9.05 -12.30
N MET A 575 11.45 -7.85 -12.84
CA MET A 575 12.24 -7.43 -13.99
C MET A 575 13.57 -6.83 -13.59
N GLY A 576 13.94 -6.89 -12.32
CA GLY A 576 15.27 -6.49 -11.92
C GLY A 576 16.00 -7.58 -11.15
N ILE A 577 15.26 -8.49 -10.52
CA ILE A 577 15.84 -9.54 -9.70
C ILE A 577 15.49 -10.93 -10.19
N VAL A 578 14.23 -11.15 -10.61
CA VAL A 578 13.84 -12.52 -10.97
C VAL A 578 14.38 -12.92 -12.34
N ARG A 579 14.12 -12.11 -13.38
CA ARG A 579 14.45 -12.54 -14.73
C ARG A 579 15.95 -12.73 -15.02
N PRO A 580 16.90 -12.05 -14.36
CA PRO A 580 18.27 -12.58 -14.40
C PRO A 580 18.45 -13.85 -13.60
N LEU A 581 17.64 -14.09 -12.57
CA LEU A 581 17.86 -15.25 -11.72
C LEU A 581 17.30 -16.52 -12.33
N MET A 582 16.19 -16.44 -13.06
CA MET A 582 15.63 -17.58 -13.74
C MET A 582 16.36 -17.91 -15.03
N GLU A 583 17.28 -17.05 -15.47
CA GLU A 583 18.14 -17.40 -16.59
C GLU A 583 19.17 -18.45 -16.21
N VAL A 584 19.44 -18.63 -14.92
CA VAL A 584 20.37 -19.65 -14.44
C VAL A 584 19.64 -20.69 -13.60
N TYR A 585 18.93 -20.25 -12.55
CA TYR A 585 18.28 -21.16 -11.62
C TYR A 585 16.81 -21.25 -11.97
N PRO A 586 16.31 -22.39 -12.44
CA PRO A 586 14.90 -22.49 -12.83
C PRO A 586 13.95 -22.72 -11.67
N TYR A 587 14.45 -22.86 -10.45
CA TYR A 587 13.61 -23.04 -9.28
C TYR A 587 14.09 -22.16 -8.13
N ALA A 588 14.32 -20.89 -8.46
CA ALA A 588 14.57 -19.86 -7.46
C ALA A 588 13.33 -19.03 -7.18
N TRP A 589 12.24 -19.26 -7.89
CA TRP A 589 11.01 -18.52 -7.64
C TRP A 589 10.35 -18.97 -6.34
N VAL A 590 10.54 -20.23 -5.97
CA VAL A 590 9.92 -20.76 -4.75
C VAL A 590 10.64 -20.30 -3.50
N PHE A 591 11.76 -19.58 -3.65
CA PHE A 591 12.37 -18.90 -2.52
C PHE A 591 11.81 -17.49 -2.35
N PHE A 592 11.50 -16.80 -3.45
CA PHE A 592 10.98 -15.44 -3.36
C PHE A 592 9.51 -15.40 -2.99
N ILE A 593 8.68 -16.25 -3.62
CA ILE A 593 7.22 -16.13 -3.47
C ILE A 593 6.72 -16.28 -2.04
N PRO A 594 7.27 -17.16 -1.19
CA PRO A 594 6.91 -17.06 0.23
C PRO A 594 7.41 -15.79 0.91
N PHE A 595 8.58 -15.29 0.50
CA PHE A 595 9.22 -14.19 1.23
C PHE A 595 8.47 -12.88 1.03
N ILE A 596 8.14 -12.57 -0.23
CA ILE A 596 7.38 -11.36 -0.57
C ILE A 596 5.99 -11.40 0.06
N PHE A 597 5.47 -12.61 0.33
CA PHE A 597 4.22 -12.72 1.06
C PHE A 597 4.42 -12.42 2.54
N VAL A 598 5.39 -13.09 3.17
CA VAL A 598 5.44 -13.08 4.63
C VAL A 598 5.90 -11.72 5.17
N VAL A 599 6.84 -11.06 4.50
CA VAL A 599 7.36 -9.85 5.11
C VAL A 599 6.44 -8.67 4.83
N THR A 600 5.81 -8.63 3.66
CA THR A 600 4.79 -7.60 3.43
C THR A 600 3.55 -7.83 4.28
N PHE A 601 3.23 -9.09 4.60
CA PHE A 601 2.13 -9.37 5.51
C PHE A 601 2.44 -8.90 6.93
N VAL A 602 3.69 -9.04 7.36
CA VAL A 602 4.06 -8.51 8.68
C VAL A 602 4.08 -6.98 8.67
N MET A 603 4.46 -6.38 7.53
CA MET A 603 4.43 -4.93 7.42
C MET A 603 2.99 -4.40 7.34
N ILE A 604 2.03 -5.26 6.98
CA ILE A 604 0.62 -4.89 7.10
C ILE A 604 0.15 -5.07 8.54
N ASN A 605 0.63 -6.12 9.21
CA ASN A 605 0.28 -6.37 10.61
C ASN A 605 0.75 -5.26 11.53
N LEU A 606 1.84 -4.58 11.16
CA LEU A 606 2.24 -3.37 11.88
C LEU A 606 1.15 -2.29 11.83
N VAL A 607 0.52 -2.13 10.66
CA VAL A 607 -0.56 -1.15 10.51
C VAL A 607 -1.76 -1.57 11.34
N VAL A 608 -2.01 -2.88 11.41
CA VAL A 608 -3.08 -3.40 12.25
C VAL A 608 -2.83 -3.08 13.72
N ALA A 609 -1.59 -3.28 14.18
CA ALA A 609 -1.24 -3.04 15.57
C ALA A 609 -1.36 -1.56 15.92
N ILE A 610 -0.93 -0.67 15.02
CA ILE A 610 -1.04 0.75 15.34
C ILE A 610 -2.48 1.25 15.24
N ILE A 611 -3.33 0.64 14.40
CA ILE A 611 -4.73 1.08 14.38
C ILE A 611 -5.48 0.61 15.64
N VAL A 612 -5.20 -0.62 16.12
CA VAL A 612 -5.88 -1.04 17.34
C VAL A 612 -5.31 -0.32 18.55
N ASP A 613 -4.05 0.11 18.48
CA ASP A 613 -3.51 0.93 19.56
C ASP A 613 -4.11 2.33 19.51
N ALA A 614 -4.42 2.85 18.33
CA ALA A 614 -5.05 4.16 18.27
C ALA A 614 -6.56 4.11 18.54
N MET A 615 -7.16 2.93 18.60
CA MET A 615 -8.55 2.87 19.04
C MET A 615 -8.72 2.40 20.49
N ALA A 616 -7.69 1.83 21.10
CA ALA A 616 -7.80 1.41 22.49
C ALA A 616 -8.02 2.60 23.42
N ILE A 617 -7.35 3.72 23.16
CA ILE A 617 -7.55 4.93 23.94
C ILE A 617 -8.94 5.52 23.69
N LEU A 618 -9.49 5.30 22.50
CA LEU A 618 -10.85 5.74 22.21
C LEU A 618 -11.87 4.93 23.00
N ASN A 619 -11.79 3.60 22.92
CA ASN A 619 -12.73 2.72 23.60
C ASN A 619 -12.48 2.62 25.10
N GLN A 620 -11.41 3.21 25.61
CA GLN A 620 -11.24 3.41 27.04
C GLN A 620 -12.29 4.35 27.64
N LYS A 621 -12.88 5.23 26.84
CA LYS A 621 -13.74 6.30 27.33
C LYS A 621 -15.17 5.85 27.60
N GLU A 622 -15.45 4.55 27.66
CA GLU A 622 -16.78 4.04 28.00
C GLU A 622 -16.78 3.23 29.28
N GLU A 623 -15.65 3.13 29.97
CA GLU A 623 -15.59 2.40 31.23
C GLU A 623 -14.63 3.09 32.18
N MET B 395 -38.77 43.30 -9.38
CA MET B 395 -38.24 44.05 -8.25
C MET B 395 -37.09 43.30 -7.61
N TYR B 396 -36.54 43.88 -6.55
CA TYR B 396 -35.40 43.30 -5.82
C TYR B 396 -35.77 41.94 -5.24
N LEU B 397 -36.92 41.86 -4.58
CA LEU B 397 -37.38 40.61 -4.00
C LEU B 397 -37.68 39.57 -5.07
N ALA B 398 -38.26 39.99 -6.19
CA ALA B 398 -38.59 39.06 -7.27
C ALA B 398 -37.35 38.49 -7.94
N ILE B 399 -36.30 39.31 -8.09
CA ILE B 399 -35.07 38.79 -8.66
C ILE B 399 -34.36 37.87 -7.68
N THR B 400 -34.43 38.19 -6.37
CA THR B 400 -33.88 37.25 -5.40
C THR B 400 -34.69 35.98 -5.29
N ASN B 401 -35.96 35.98 -5.73
CA ASN B 401 -36.66 34.72 -5.89
C ASN B 401 -36.22 34.00 -7.15
N ILE B 402 -36.09 34.74 -8.26
CA ILE B 402 -35.86 34.11 -9.55
C ILE B 402 -34.44 33.57 -9.66
N VAL B 403 -33.53 34.02 -8.81
CA VAL B 403 -32.21 33.39 -8.80
C VAL B 403 -32.30 32.01 -8.16
N GLU B 404 -33.16 31.84 -7.16
CA GLU B 404 -33.32 30.58 -6.47
C GLU B 404 -34.38 29.70 -7.11
N SER B 405 -34.82 30.03 -8.31
CA SER B 405 -35.83 29.24 -9.00
C SER B 405 -35.22 27.89 -9.39
N SER B 406 -35.91 26.81 -9.01
CA SER B 406 -35.39 25.46 -9.25
C SER B 406 -35.35 25.13 -10.73
N PHE B 407 -36.25 25.74 -11.52
CA PHE B 407 -36.25 25.56 -12.96
C PHE B 407 -34.96 26.06 -13.58
N PHE B 408 -34.61 27.33 -13.32
CA PHE B 408 -33.45 27.89 -13.98
C PHE B 408 -32.15 27.40 -13.35
N THR B 409 -32.17 27.06 -12.05
CA THR B 409 -30.97 26.50 -11.42
C THR B 409 -30.69 25.09 -11.95
N LYS B 410 -31.73 24.26 -12.06
CA LYS B 410 -31.56 22.96 -12.69
C LYS B 410 -31.24 23.10 -14.17
N PHE B 411 -31.63 24.22 -14.79
CA PHE B 411 -31.19 24.49 -16.16
C PHE B 411 -29.70 24.79 -16.23
N ILE B 412 -29.15 25.52 -15.25
CA ILE B 412 -27.71 25.70 -15.15
C ILE B 412 -27.01 24.35 -14.98
N ILE B 413 -27.59 23.47 -14.17
CA ILE B 413 -27.03 22.14 -13.99
C ILE B 413 -27.10 21.34 -15.30
N TYR B 414 -28.20 21.50 -16.05
CA TYR B 414 -28.37 20.86 -17.34
C TYR B 414 -27.29 21.29 -18.33
N LEU B 415 -27.09 22.60 -18.47
CA LEU B 415 -26.11 23.06 -19.42
C LEU B 415 -24.68 22.82 -18.95
N ILE B 416 -24.46 22.71 -17.63
CA ILE B 416 -23.08 22.46 -17.22
C ILE B 416 -22.72 20.98 -17.38
N VAL B 417 -23.67 20.05 -17.22
CA VAL B 417 -23.34 18.67 -17.56
C VAL B 417 -23.32 18.48 -19.07
N LEU B 418 -24.07 19.31 -19.81
CA LEU B 418 -24.00 19.35 -21.26
C LEU B 418 -22.61 19.75 -21.74
N ASN B 419 -22.05 20.81 -21.16
CA ASN B 419 -20.70 21.18 -21.53
C ASN B 419 -19.66 20.22 -20.97
N GLY B 420 -19.98 19.49 -19.89
CA GLY B 420 -19.09 18.44 -19.43
C GLY B 420 -18.93 17.34 -20.45
N ILE B 421 -20.04 16.83 -20.98
CA ILE B 421 -19.90 15.84 -22.04
C ILE B 421 -19.44 16.46 -23.35
N THR B 422 -19.60 17.78 -23.53
CA THR B 422 -19.04 18.44 -24.71
C THR B 422 -17.51 18.46 -24.66
N MET B 423 -16.94 18.74 -23.49
CA MET B 423 -15.50 18.62 -23.34
C MET B 423 -15.05 17.17 -23.35
N GLY B 424 -15.94 16.25 -23.02
CA GLY B 424 -15.65 14.84 -23.28
C GLY B 424 -15.63 14.51 -24.76
N LEU B 425 -16.40 15.25 -25.56
CA LEU B 425 -16.42 15.07 -27.00
C LEU B 425 -15.33 15.84 -27.74
N GLU B 426 -14.76 16.87 -27.11
CA GLU B 426 -13.72 17.68 -27.77
C GLU B 426 -12.43 16.90 -28.00
N THR B 427 -12.21 15.82 -27.24
CA THR B 427 -11.01 15.01 -27.41
C THR B 427 -10.97 14.34 -28.77
N SER B 428 -12.10 13.82 -29.23
CA SER B 428 -12.19 13.23 -30.57
C SER B 428 -12.17 14.36 -31.59
N LYS B 429 -11.02 14.54 -32.24
CA LYS B 429 -10.80 15.69 -33.12
C LYS B 429 -11.62 15.60 -34.40
N THR B 430 -12.07 14.41 -34.78
CA THR B 430 -12.98 14.29 -35.92
C THR B 430 -14.33 14.93 -35.61
N PHE B 431 -14.79 14.80 -34.37
CA PHE B 431 -16.04 15.43 -33.98
C PHE B 431 -15.91 16.93 -33.94
N MET B 432 -14.71 17.43 -33.69
CA MET B 432 -14.43 18.86 -33.78
C MET B 432 -14.19 19.31 -35.21
N GLN B 433 -13.81 18.40 -36.10
CA GLN B 433 -13.77 18.73 -37.52
C GLN B 433 -15.18 18.85 -38.09
N SER B 434 -16.08 17.97 -37.66
CA SER B 434 -17.43 17.97 -38.22
C SER B 434 -18.29 19.08 -37.65
N PHE B 435 -18.45 19.12 -36.32
CA PHE B 435 -19.41 20.02 -35.68
C PHE B 435 -18.72 21.17 -34.94
N GLY B 436 -17.66 21.73 -35.52
CA GLY B 436 -16.73 22.54 -34.74
C GLY B 436 -17.27 23.91 -34.36
N VAL B 437 -17.84 24.63 -35.33
CA VAL B 437 -18.30 26.00 -35.09
C VAL B 437 -19.47 25.99 -34.12
N TYR B 438 -20.37 24.99 -34.25
CA TYR B 438 -21.43 24.79 -33.28
C TYR B 438 -20.87 24.50 -31.89
N THR B 439 -19.79 23.72 -31.82
CA THR B 439 -19.23 23.34 -30.53
C THR B 439 -18.59 24.52 -29.82
N THR B 440 -17.78 25.32 -30.54
CA THR B 440 -17.19 26.49 -29.90
C THR B 440 -18.23 27.57 -29.63
N LEU B 441 -19.32 27.59 -30.40
CA LEU B 441 -20.46 28.44 -30.07
C LEU B 441 -21.09 28.02 -28.75
N PHE B 442 -21.23 26.71 -28.54
CA PHE B 442 -21.74 26.18 -27.27
C PHE B 442 -20.84 26.60 -26.12
N LYS B 443 -19.51 26.48 -26.32
CA LYS B 443 -18.54 26.84 -25.29
C LYS B 443 -18.64 28.31 -24.89
N GLN B 444 -18.59 29.19 -25.90
CA GLN B 444 -18.60 30.64 -25.63
C GLN B 444 -19.91 31.10 -25.01
N ILE B 445 -21.04 30.53 -25.47
CA ILE B 445 -22.32 30.93 -24.93
C ILE B 445 -22.47 30.47 -23.48
N VAL B 446 -22.04 29.24 -23.17
CA VAL B 446 -22.22 28.80 -21.79
C VAL B 446 -21.23 29.46 -20.84
N ILE B 447 -20.04 29.87 -21.30
CA ILE B 447 -19.18 30.57 -20.35
C ILE B 447 -19.65 32.01 -20.16
N THR B 448 -20.25 32.62 -21.19
CA THR B 448 -20.79 33.96 -21.03
C THR B 448 -21.98 33.96 -20.08
N ILE B 449 -22.92 33.04 -20.28
CA ILE B 449 -24.07 32.98 -19.38
C ILE B 449 -23.68 32.44 -18.02
N PHE B 450 -22.56 31.72 -17.91
CA PHE B 450 -22.07 31.29 -16.62
C PHE B 450 -21.56 32.47 -15.81
N THR B 451 -20.80 33.35 -16.45
CA THR B 451 -20.39 34.60 -15.82
C THR B 451 -21.61 35.46 -15.44
N ILE B 452 -22.64 35.45 -16.29
CA ILE B 452 -23.86 36.20 -16.01
C ILE B 452 -24.55 35.67 -14.76
N GLU B 453 -24.73 34.35 -14.65
CA GLU B 453 -25.45 33.83 -13.49
C GLU B 453 -24.65 33.94 -12.21
N ILE B 454 -23.31 33.81 -12.27
CA ILE B 454 -22.51 33.99 -11.07
C ILE B 454 -22.56 35.44 -10.60
N ILE B 455 -22.45 36.39 -11.52
CA ILE B 455 -22.48 37.79 -11.08
C ILE B 455 -23.90 38.21 -10.69
N LEU B 456 -24.93 37.51 -11.19
CA LEU B 456 -26.27 37.75 -10.68
C LEU B 456 -26.41 37.18 -9.27
N ARG B 457 -25.74 36.06 -8.98
CA ARG B 457 -25.68 35.56 -7.61
C ARG B 457 -24.97 36.52 -6.69
N ILE B 458 -24.02 37.28 -7.21
CA ILE B 458 -23.42 38.36 -6.42
C ILE B 458 -24.42 39.49 -6.23
N TYR B 459 -25.13 39.89 -7.30
CA TYR B 459 -26.06 41.02 -7.23
C TYR B 459 -27.23 40.76 -6.29
N VAL B 460 -27.60 39.50 -6.07
CA VAL B 460 -28.68 39.25 -5.13
C VAL B 460 -28.17 39.12 -3.69
N HIS B 461 -26.94 38.66 -3.51
CA HIS B 461 -26.47 38.28 -2.18
C HIS B 461 -25.06 38.79 -1.95
N ARG B 462 -24.85 40.08 -2.25
CA ARG B 462 -23.62 40.85 -2.09
C ARG B 462 -22.74 40.50 -0.90
N ILE B 463 -23.33 40.29 0.27
CA ILE B 463 -22.61 39.73 1.41
C ILE B 463 -23.26 38.45 1.94
N SER B 464 -24.51 38.16 1.56
CA SER B 464 -25.17 36.92 1.99
C SER B 464 -24.62 35.68 1.29
N PHE B 465 -23.81 35.87 0.26
CA PHE B 465 -23.23 34.80 -0.52
C PHE B 465 -21.89 34.35 0.06
N PHE B 466 -21.52 34.89 1.21
CA PHE B 466 -20.17 34.71 1.75
C PHE B 466 -20.03 33.41 2.52
N LYS B 467 -21.05 33.02 3.27
CA LYS B 467 -20.93 31.92 4.23
C LYS B 467 -20.84 30.54 3.60
N ASP B 468 -21.18 30.40 2.31
CA ASP B 468 -21.24 29.09 1.68
C ASP B 468 -19.87 28.66 1.18
N PRO B 469 -19.37 27.50 1.58
CA PRO B 469 -18.13 26.99 0.97
C PRO B 469 -18.33 26.54 -0.47
N TRP B 470 -19.56 26.23 -0.85
CA TRP B 470 -19.86 25.98 -2.26
C TRP B 470 -19.74 27.26 -3.07
N SER B 471 -20.05 28.39 -2.44
CA SER B 471 -19.80 29.68 -3.08
C SER B 471 -18.31 29.96 -3.22
N LEU B 472 -17.52 29.54 -2.20
CA LEU B 472 -16.07 29.59 -2.31
C LEU B 472 -15.59 28.74 -3.48
N PHE B 473 -16.22 27.58 -3.67
CA PHE B 473 -15.87 26.68 -4.76
C PHE B 473 -16.17 27.31 -6.13
N ASP B 474 -17.40 27.80 -6.32
CA ASP B 474 -17.77 28.32 -7.64
C ASP B 474 -17.09 29.66 -7.92
N PHE B 475 -16.81 30.46 -6.90
CA PHE B 475 -16.09 31.70 -7.16
C PHE B 475 -14.62 31.44 -7.42
N PHE B 476 -14.04 30.39 -6.82
CA PHE B 476 -12.70 29.97 -7.21
C PHE B 476 -12.67 29.55 -8.67
N VAL B 477 -13.68 28.77 -9.08
CA VAL B 477 -13.76 28.28 -10.44
C VAL B 477 -13.90 29.42 -11.44
N VAL B 478 -14.70 30.43 -11.11
CA VAL B 478 -14.85 31.55 -12.03
C VAL B 478 -13.63 32.46 -12.01
N ALA B 479 -13.16 32.85 -10.82
CA ALA B 479 -12.16 33.91 -10.70
C ALA B 479 -10.78 33.44 -11.12
N ILE B 480 -10.38 32.23 -10.74
CA ILE B 480 -9.03 31.77 -11.11
C ILE B 480 -8.97 31.41 -12.59
N SER B 481 -10.06 30.88 -13.14
CA SER B 481 -10.13 30.52 -14.54
C SER B 481 -10.93 31.51 -15.37
N LEU B 482 -10.82 32.81 -15.07
CA LEU B 482 -11.52 33.80 -15.88
C LEU B 482 -10.78 34.07 -17.18
N VAL B 483 -9.46 33.95 -17.16
CA VAL B 483 -8.67 34.28 -18.36
C VAL B 483 -8.58 33.04 -19.25
N PRO B 484 -8.97 33.13 -20.52
CA PRO B 484 -8.76 32.03 -21.47
C PRO B 484 -7.51 32.15 -22.33
N THR B 485 -6.79 33.29 -22.26
CA THR B 485 -5.54 33.47 -23.00
C THR B 485 -4.39 32.91 -22.18
N SER B 486 -4.36 31.58 -22.09
CA SER B 486 -3.39 30.84 -21.31
C SER B 486 -3.25 29.46 -21.94
N SER B 487 -2.70 28.50 -21.20
CA SER B 487 -2.44 27.16 -21.73
C SER B 487 -3.70 26.28 -21.66
N CYS B 488 -4.76 26.76 -22.33
CA CYS B 488 -5.99 26.02 -22.69
C CYS B 488 -6.76 25.44 -21.50
N PHE B 489 -6.42 25.80 -20.26
CA PHE B 489 -6.93 25.05 -19.11
C PHE B 489 -8.20 25.63 -18.52
N GLU B 490 -9.05 26.25 -19.36
CA GLU B 490 -10.35 26.72 -18.91
C GLU B 490 -11.25 25.58 -18.44
N ILE B 491 -11.11 24.41 -19.07
CA ILE B 491 -12.07 23.32 -18.99
C ILE B 491 -12.18 22.70 -17.60
N LEU B 492 -11.35 23.10 -16.64
CA LEU B 492 -11.57 22.66 -15.26
C LEU B 492 -12.83 23.25 -14.66
N ARG B 493 -13.48 24.23 -15.31
CA ARG B 493 -14.81 24.66 -14.87
C ARG B 493 -15.86 23.57 -15.05
N VAL B 494 -15.59 22.51 -15.83
CA VAL B 494 -16.41 21.30 -15.82
C VAL B 494 -16.55 20.71 -14.42
N LEU B 495 -15.53 20.90 -13.57
CA LEU B 495 -15.56 20.50 -12.16
C LEU B 495 -16.71 21.13 -11.37
N ARG B 496 -17.33 22.20 -11.91
CA ARG B 496 -18.56 22.77 -11.38
C ARG B 496 -19.67 21.74 -11.18
N VAL B 497 -19.72 20.69 -12.02
CA VAL B 497 -20.76 19.66 -11.88
C VAL B 497 -20.64 18.86 -10.59
N LEU B 498 -19.54 19.03 -9.84
CA LEU B 498 -19.43 18.50 -8.48
C LEU B 498 -20.56 18.98 -7.58
N ARG B 499 -21.14 20.15 -7.88
CA ARG B 499 -22.32 20.66 -7.18
C ARG B 499 -23.47 19.66 -7.20
N LEU B 500 -23.64 18.94 -8.31
CA LEU B 500 -24.69 17.93 -8.41
C LEU B 500 -24.50 16.80 -7.41
N PHE B 501 -23.24 16.49 -7.07
CA PHE B 501 -22.99 15.45 -6.08
C PHE B 501 -23.25 15.91 -4.66
N ARG B 502 -23.75 17.13 -4.44
CA ARG B 502 -24.37 17.42 -3.15
C ARG B 502 -25.63 16.57 -2.96
N ALA B 503 -26.37 16.31 -4.04
CA ALA B 503 -27.63 15.59 -3.93
C ALA B 503 -27.46 14.11 -3.59
N VAL B 504 -26.24 13.59 -3.70
CA VAL B 504 -25.96 12.21 -3.28
C VAL B 504 -25.35 12.20 -1.88
N THR B 505 -24.98 13.36 -1.33
CA THR B 505 -24.41 13.35 0.02
C THR B 505 -25.45 13.17 1.11
N ALA B 506 -26.74 13.24 0.80
CA ALA B 506 -27.74 13.23 1.87
C ALA B 506 -28.06 11.82 2.35
N VAL B 507 -28.65 10.99 1.49
CA VAL B 507 -29.26 9.75 1.98
C VAL B 507 -28.32 8.56 2.16
N PRO B 508 -27.59 8.04 1.14
CA PRO B 508 -27.16 6.64 1.22
C PRO B 508 -25.80 6.49 1.91
N GLN B 509 -25.75 6.78 3.21
CA GLN B 509 -24.71 6.35 4.16
C GLN B 509 -23.34 7.00 3.91
N VAL B 510 -23.19 7.80 2.85
CA VAL B 510 -21.92 8.51 2.62
C VAL B 510 -21.81 9.76 3.48
N ARG B 511 -22.87 10.10 4.21
CA ARG B 511 -22.83 11.24 5.11
C ARG B 511 -21.82 11.02 6.22
N LYS B 512 -21.70 9.78 6.70
CA LYS B 512 -20.71 9.47 7.72
C LYS B 512 -19.29 9.57 7.17
N ILE B 513 -19.09 9.16 5.92
CA ILE B 513 -17.77 9.24 5.30
C ILE B 513 -17.36 10.68 5.07
N VAL B 514 -18.28 11.51 4.59
CA VAL B 514 -17.92 12.90 4.33
C VAL B 514 -17.80 13.67 5.64
N SER B 515 -18.53 13.24 6.69
CA SER B 515 -18.33 13.83 8.01
C SER B 515 -16.98 13.46 8.59
N ALA B 516 -16.52 12.22 8.35
CA ALA B 516 -15.17 11.84 8.74
C ALA B 516 -14.12 12.63 7.97
N LEU B 517 -14.36 12.85 6.67
CA LEU B 517 -13.42 13.63 5.87
C LEU B 517 -13.39 15.09 6.30
N ILE B 518 -14.51 15.62 6.79
CA ILE B 518 -14.52 16.99 7.29
C ILE B 518 -13.85 17.08 8.65
N SER B 519 -14.11 16.11 9.52
CA SER B 519 -13.53 16.15 10.86
C SER B 519 -12.07 15.72 10.91
N VAL B 520 -11.52 15.15 9.84
CA VAL B 520 -10.12 14.71 9.87
C VAL B 520 -9.15 15.86 9.60
N ILE B 521 -9.65 17.04 9.28
CA ILE B 521 -8.84 18.22 8.96
C ILE B 521 -7.84 18.66 10.03
N PRO B 522 -8.19 18.94 11.29
CA PRO B 522 -7.22 19.60 12.18
C PRO B 522 -6.13 18.69 12.73
N GLY B 523 -6.09 17.42 12.34
CA GLY B 523 -4.95 16.59 12.62
C GLY B 523 -4.15 16.31 11.36
N MET B 524 -4.85 16.18 10.23
CA MET B 524 -4.17 15.91 8.97
C MET B 524 -3.37 17.11 8.49
N LEU B 525 -3.78 18.33 8.87
CA LEU B 525 -2.95 19.50 8.56
C LEU B 525 -1.64 19.48 9.34
N SER B 526 -1.68 19.07 10.61
CA SER B 526 -0.43 18.92 11.36
C SER B 526 0.43 17.79 10.81
N VAL B 527 -0.20 16.72 10.31
CA VAL B 527 0.53 15.63 9.69
C VAL B 527 1.25 16.11 8.44
N ILE B 528 0.56 16.90 7.60
CA ILE B 528 1.22 17.37 6.38
C ILE B 528 2.25 18.45 6.69
N ALA B 529 2.11 19.19 7.81
CA ALA B 529 3.15 20.14 8.19
C ALA B 529 4.40 19.42 8.67
N LEU B 530 4.22 18.34 9.44
CA LEU B 530 5.35 17.51 9.85
C LEU B 530 6.03 16.88 8.63
N MET B 531 5.25 16.44 7.65
CA MET B 531 5.82 15.84 6.46
C MET B 531 6.58 16.88 5.63
N THR B 532 6.09 18.12 5.61
CA THR B 532 6.80 19.19 4.91
C THR B 532 8.11 19.51 5.60
N LEU B 533 8.13 19.48 6.93
CA LEU B 533 9.38 19.70 7.67
C LEU B 533 10.39 18.58 7.40
N PHE B 534 9.92 17.33 7.36
CA PHE B 534 10.80 16.21 7.05
C PHE B 534 11.37 16.31 5.65
N PHE B 535 10.54 16.64 4.67
CA PHE B 535 11.04 16.83 3.31
C PHE B 535 11.99 18.01 3.20
N TYR B 536 11.78 19.05 4.01
CA TYR B 536 12.67 20.20 4.04
C TYR B 536 14.06 19.81 4.52
N ILE B 537 14.14 19.17 5.69
CA ILE B 537 15.45 18.85 6.26
C ILE B 537 16.14 17.76 5.43
N PHE B 538 15.38 16.80 4.89
CA PHE B 538 16.03 15.76 4.12
C PHE B 538 16.41 16.24 2.73
N ALA B 539 15.72 17.25 2.20
CA ALA B 539 16.13 17.82 0.92
C ALA B 539 17.40 18.64 1.06
N ILE B 540 17.52 19.39 2.15
CA ILE B 540 18.75 20.15 2.36
C ILE B 540 19.92 19.22 2.67
N MET B 541 19.67 18.13 3.41
CA MET B 541 20.72 17.15 3.66
C MET B 541 21.13 16.42 2.38
N ALA B 542 20.15 16.14 1.51
CA ALA B 542 20.45 15.52 0.23
C ALA B 542 21.22 16.46 -0.68
N THR B 543 20.99 17.76 -0.56
CA THR B 543 21.76 18.69 -1.40
C THR B 543 23.17 18.86 -0.88
N CYS B 544 23.36 18.82 0.44
CA CYS B 544 24.71 18.76 1.01
C CYS B 544 25.46 17.51 0.58
N LEU B 545 24.80 16.37 0.54
CA LEU B 545 25.52 15.14 0.23
C LEU B 545 25.73 14.95 -1.28
N PHE B 546 24.66 14.95 -2.06
CA PHE B 546 24.73 14.52 -3.45
C PHE B 546 24.54 15.69 -4.39
N GLY B 547 25.13 16.83 -4.07
CA GLY B 547 24.89 18.04 -4.82
C GLY B 547 25.62 18.14 -6.15
N GLU B 548 26.95 18.13 -6.13
CA GLU B 548 27.72 18.47 -7.31
C GLU B 548 27.70 17.35 -8.35
N ARG B 549 28.11 16.15 -7.96
CA ARG B 549 28.38 15.08 -8.91
C ARG B 549 27.13 14.42 -9.48
N PHE B 550 25.93 14.91 -9.15
CA PHE B 550 24.70 14.34 -9.69
C PHE B 550 23.94 15.43 -10.44
N PRO B 551 23.57 15.19 -11.69
CA PRO B 551 23.21 16.29 -12.58
C PRO B 551 21.80 16.83 -12.46
N GLU B 552 20.81 15.96 -12.26
CA GLU B 552 19.41 16.33 -12.45
C GLU B 552 18.51 15.95 -11.30
N TRP B 553 18.89 15.01 -10.45
CA TRP B 553 18.05 14.58 -9.36
C TRP B 553 18.28 15.37 -8.08
N PHE B 554 19.39 16.09 -7.98
CA PHE B 554 19.69 16.80 -6.74
C PHE B 554 20.28 18.19 -7.03
N GLY B 555 19.88 18.82 -8.12
CA GLY B 555 20.42 20.11 -8.47
C GLY B 555 19.96 21.25 -7.59
N THR B 556 18.69 21.63 -7.71
CA THR B 556 18.14 22.75 -6.95
C THR B 556 17.58 22.23 -5.63
N LEU B 557 16.76 23.06 -4.98
CA LEU B 557 16.01 22.57 -3.83
C LEU B 557 14.73 21.88 -4.27
N GLY B 558 14.07 22.43 -5.30
CA GLY B 558 12.80 21.86 -5.74
C GLY B 558 12.94 20.49 -6.35
N GLU B 559 14.00 20.29 -7.15
CA GLU B 559 14.20 18.99 -7.75
C GLU B 559 14.67 17.95 -6.75
N SER B 560 15.43 18.35 -5.73
CA SER B 560 15.82 17.42 -4.68
C SER B 560 14.62 17.04 -3.82
N PHE B 561 13.76 18.01 -3.52
CA PHE B 561 12.48 17.72 -2.88
C PHE B 561 11.66 16.77 -3.73
N TYR B 562 11.68 16.96 -5.05
CA TYR B 562 10.93 16.10 -5.95
C TYR B 562 11.46 14.66 -5.93
N THR B 563 12.79 14.51 -5.95
CA THR B 563 13.39 13.18 -5.95
C THR B 563 13.13 12.45 -4.64
N LEU B 564 13.20 13.16 -3.52
CA LEU B 564 12.90 12.49 -2.25
C LEU B 564 11.41 12.24 -2.10
N PHE B 565 10.57 13.06 -2.74
CA PHE B 565 9.14 12.73 -2.81
C PHE B 565 8.93 11.46 -3.62
N GLN B 566 9.68 11.28 -4.70
CA GLN B 566 9.52 10.08 -5.50
C GLN B 566 10.06 8.85 -4.77
N VAL B 567 11.05 9.04 -3.91
CA VAL B 567 11.48 7.96 -3.03
C VAL B 567 10.37 7.63 -2.04
N MET B 568 9.61 8.63 -1.60
CA MET B 568 8.42 8.36 -0.79
C MET B 568 7.34 7.62 -1.58
N THR B 569 7.19 7.90 -2.87
CA THR B 569 6.20 7.17 -3.67
C THR B 569 6.64 5.75 -4.03
N LEU B 570 7.87 5.38 -3.67
CA LEU B 570 8.35 4.00 -3.66
C LEU B 570 8.28 3.37 -5.05
N GLU B 571 9.09 3.93 -5.94
CA GLU B 571 9.31 3.31 -7.24
C GLU B 571 10.72 3.61 -7.71
N SER B 572 11.50 2.54 -7.89
CA SER B 572 12.84 2.57 -8.48
C SER B 572 13.77 3.50 -7.71
N TRP B 573 13.64 3.49 -6.39
CA TRP B 573 14.68 4.09 -5.60
C TRP B 573 15.95 3.25 -5.67
N SER B 574 15.83 1.94 -5.88
CA SER B 574 17.04 1.13 -6.02
C SER B 574 17.64 1.27 -7.41
N MET B 575 16.90 0.82 -8.43
CA MET B 575 17.45 0.72 -9.78
C MET B 575 17.32 2.01 -10.56
N GLY B 576 16.89 3.10 -9.94
CA GLY B 576 16.90 4.38 -10.59
C GLY B 576 17.68 5.43 -9.81
N ILE B 577 17.78 5.25 -8.48
CA ILE B 577 18.43 6.22 -7.62
C ILE B 577 19.61 5.62 -6.87
N VAL B 578 19.50 4.39 -6.37
CA VAL B 578 20.58 3.86 -5.54
C VAL B 578 21.77 3.42 -6.39
N ARG B 579 21.54 2.57 -7.39
CA ARG B 579 22.67 1.99 -8.13
C ARG B 579 23.54 2.98 -8.89
N PRO B 580 23.06 4.13 -9.38
CA PRO B 580 24.03 5.18 -9.74
C PRO B 580 24.70 5.83 -8.55
N LEU B 581 24.07 5.81 -7.37
CA LEU B 581 24.65 6.51 -6.23
C LEU B 581 25.73 5.69 -5.54
N MET B 582 25.57 4.38 -5.49
CA MET B 582 26.58 3.50 -4.92
C MET B 582 27.75 3.26 -5.86
N GLU B 583 27.65 3.70 -7.11
CA GLU B 583 28.80 3.68 -8.00
C GLU B 583 29.84 4.72 -7.62
N VAL B 584 29.45 5.74 -6.85
CA VAL B 584 30.37 6.76 -6.36
C VAL B 584 30.49 6.71 -4.84
N TYR B 585 29.37 6.81 -4.14
CA TYR B 585 29.38 6.88 -2.68
C TYR B 585 29.05 5.51 -2.11
N PRO B 586 29.99 4.83 -1.46
CA PRO B 586 29.71 3.49 -0.93
C PRO B 586 28.96 3.46 0.37
N TYR B 587 28.66 4.62 0.97
CA TYR B 587 27.90 4.69 2.21
C TYR B 587 26.86 5.80 2.12
N ALA B 588 26.13 5.80 1.01
CA ALA B 588 24.96 6.64 0.83
C ALA B 588 23.67 5.88 1.06
N TRP B 589 23.74 4.58 1.35
CA TRP B 589 22.53 3.82 1.58
C TRP B 589 21.93 4.13 2.95
N VAL B 590 22.76 4.51 3.92
CA VAL B 590 22.30 4.79 5.27
C VAL B 590 21.65 6.16 5.37
N PHE B 591 21.60 6.91 4.27
CA PHE B 591 20.78 8.10 4.21
C PHE B 591 19.37 7.78 3.73
N PHE B 592 19.25 6.81 2.81
CA PHE B 592 17.93 6.45 2.28
C PHE B 592 17.15 5.54 3.20
N ILE B 593 17.82 4.53 3.78
CA ILE B 593 17.09 3.47 4.50
C ILE B 593 16.32 3.97 5.72
N PRO B 594 16.80 4.96 6.50
CA PRO B 594 15.87 5.56 7.48
C PRO B 594 14.75 6.36 6.83
N PHE B 595 15.00 7.00 5.69
CA PHE B 595 14.04 7.94 5.12
C PHE B 595 12.82 7.24 4.55
N ILE B 596 13.07 6.18 3.76
CA ILE B 596 12.01 5.36 3.17
C ILE B 596 11.19 4.68 4.26
N PHE B 597 11.79 4.46 5.42
CA PHE B 597 11.04 3.94 6.55
C PHE B 597 10.16 5.02 7.17
N VAL B 598 10.75 6.18 7.49
CA VAL B 598 10.05 7.14 8.35
C VAL B 598 8.92 7.83 7.60
N VAL B 599 9.09 8.14 6.32
CA VAL B 599 8.05 8.94 5.69
C VAL B 599 6.89 8.05 5.22
N THR B 600 7.18 6.82 4.79
CA THR B 600 6.10 5.88 4.49
C THR B 600 5.39 5.45 5.76
N PHE B 601 6.10 5.40 6.89
CA PHE B 601 5.45 5.10 8.17
C PHE B 601 4.52 6.22 8.60
N VAL B 602 4.89 7.48 8.33
CA VAL B 602 4.00 8.60 8.63
C VAL B 602 2.80 8.60 7.66
N MET B 603 3.02 8.21 6.41
CA MET B 603 1.91 8.11 5.46
C MET B 603 0.97 6.96 5.81
N ILE B 604 1.46 5.95 6.52
CA ILE B 604 0.57 4.93 7.08
C ILE B 604 -0.17 5.47 8.30
N ASN B 605 0.52 6.28 9.12
CA ASN B 605 -0.11 6.89 10.29
C ASN B 605 -1.25 7.83 9.93
N LEU B 606 -1.18 8.44 8.74
CA LEU B 606 -2.32 9.21 8.23
C LEU B 606 -3.55 8.33 8.05
N VAL B 607 -3.36 7.10 7.55
CA VAL B 607 -4.46 6.16 7.38
C VAL B 607 -5.02 5.76 8.73
N VAL B 608 -4.13 5.60 9.72
CA VAL B 608 -4.55 5.31 11.09
C VAL B 608 -5.43 6.43 11.64
N ALA B 609 -5.00 7.68 11.43
CA ALA B 609 -5.74 8.83 11.94
C ALA B 609 -7.11 8.95 11.28
N ILE B 610 -7.19 8.71 9.97
CA ILE B 610 -8.50 8.83 9.34
C ILE B 610 -9.41 7.65 9.66
N ILE B 611 -8.87 6.46 9.95
CA ILE B 611 -9.74 5.36 10.36
C ILE B 611 -10.28 5.58 11.78
N VAL B 612 -9.45 6.09 12.70
CA VAL B 612 -9.98 6.33 14.04
C VAL B 612 -10.91 7.54 14.04
N ASP B 613 -10.72 8.48 13.11
CA ASP B 613 -11.67 9.57 12.99
C ASP B 613 -12.98 9.07 12.37
N ALA B 614 -12.93 8.08 11.48
CA ALA B 614 -14.16 7.54 10.93
C ALA B 614 -14.86 6.56 11.86
N MET B 615 -14.21 6.12 12.94
CA MET B 615 -14.93 5.32 13.94
C MET B 615 -15.31 6.10 15.18
N ALA B 616 -14.75 7.31 15.39
CA ALA B 616 -15.16 8.10 16.55
C ALA B 616 -16.61 8.53 16.46
N ILE B 617 -17.08 8.87 15.25
CA ILE B 617 -18.47 9.22 15.05
C ILE B 617 -19.37 7.99 15.20
N LEU B 618 -18.83 6.80 14.91
CA LEU B 618 -19.58 5.57 15.13
C LEU B 618 -19.77 5.28 16.62
N ASN B 619 -18.69 5.33 17.38
CA ASN B 619 -18.74 5.07 18.82
C ASN B 619 -19.33 6.24 19.61
N GLN B 620 -19.59 7.38 18.97
CA GLN B 620 -20.41 8.43 19.55
C GLN B 620 -21.84 7.96 19.83
N LYS B 621 -22.35 6.97 19.10
CA LYS B 621 -23.75 6.58 19.16
C LYS B 621 -24.08 5.61 20.29
N GLU B 622 -23.20 5.46 21.28
CA GLU B 622 -23.47 4.59 22.43
C GLU B 622 -23.47 5.37 23.75
N GLU B 623 -23.32 6.69 23.70
CA GLU B 623 -23.37 7.50 24.91
C GLU B 623 -24.03 8.84 24.62
N MET C 395 -44.85 -36.11 -13.04
CA MET C 395 -45.61 -34.96 -13.51
C MET C 395 -44.79 -33.68 -13.40
N TYR C 396 -45.49 -32.54 -13.52
CA TYR C 396 -44.87 -31.23 -13.34
C TYR C 396 -44.23 -31.10 -11.98
N LEU C 397 -44.94 -31.53 -10.93
CA LEU C 397 -44.40 -31.49 -9.58
C LEU C 397 -43.21 -32.43 -9.42
N ALA C 398 -43.26 -33.59 -10.06
CA ALA C 398 -42.16 -34.54 -9.95
C ALA C 398 -40.91 -34.04 -10.65
N ILE C 399 -41.06 -33.32 -11.77
CA ILE C 399 -39.90 -32.75 -12.43
C ILE C 399 -39.34 -31.58 -11.62
N THR C 400 -40.22 -30.79 -10.99
CA THR C 400 -39.72 -29.75 -10.11
C THR C 400 -39.08 -30.32 -8.85
N ASN C 401 -39.39 -31.56 -8.49
CA ASN C 401 -38.61 -32.22 -7.44
C ASN C 401 -37.28 -32.71 -7.99
N ILE C 402 -37.29 -33.30 -9.18
CA ILE C 402 -36.09 -33.95 -9.69
C ILE C 402 -35.04 -32.94 -10.14
N VAL C 403 -35.43 -31.68 -10.35
CA VAL C 403 -34.41 -30.67 -10.61
C VAL C 403 -33.67 -30.34 -9.32
N GLU C 404 -34.36 -30.39 -8.18
CA GLU C 404 -33.75 -30.06 -6.90
C GLU C 404 -33.17 -31.29 -6.22
N SER C 405 -32.99 -32.39 -6.95
CA SER C 405 -32.42 -33.59 -6.37
C SER C 405 -30.94 -33.36 -6.07
N SER C 406 -30.55 -33.63 -4.81
CA SER C 406 -29.18 -33.38 -4.37
C SER C 406 -28.18 -34.27 -5.08
N PHE C 407 -28.62 -35.48 -5.49
CA PHE C 407 -27.77 -36.38 -6.25
C PHE C 407 -27.35 -35.76 -7.58
N PHE C 408 -28.32 -35.34 -8.38
CA PHE C 408 -27.99 -34.83 -9.71
C PHE C 408 -27.39 -33.44 -9.64
N THR C 409 -27.75 -32.65 -8.64
CA THR C 409 -27.14 -31.32 -8.47
C THR C 409 -25.68 -31.44 -8.06
N LYS C 410 -25.37 -32.33 -7.10
CA LYS C 410 -23.98 -32.62 -6.78
C LYS C 410 -23.26 -33.29 -7.93
N PHE C 411 -23.98 -33.97 -8.82
CA PHE C 411 -23.35 -34.47 -10.03
C PHE C 411 -22.97 -33.34 -10.98
N ILE C 412 -23.81 -32.31 -11.10
CA ILE C 412 -23.43 -31.12 -11.86
C ILE C 412 -22.19 -30.46 -11.27
N ILE C 413 -22.13 -30.40 -9.95
CA ILE C 413 -20.95 -29.84 -9.28
C ILE C 413 -19.72 -30.72 -9.53
N TYR C 414 -19.92 -32.04 -9.55
CA TYR C 414 -18.84 -32.99 -9.82
C TYR C 414 -18.26 -32.79 -11.21
N LEU C 415 -19.12 -32.75 -12.22
CA LEU C 415 -18.61 -32.59 -13.58
C LEU C 415 -18.09 -31.18 -13.84
N ILE C 416 -18.58 -30.17 -13.12
CA ILE C 416 -18.06 -28.84 -13.38
C ILE C 416 -16.70 -28.65 -12.72
N VAL C 417 -16.44 -29.30 -11.57
CA VAL C 417 -15.07 -29.23 -11.04
C VAL C 417 -14.15 -30.15 -11.83
N LEU C 418 -14.70 -31.21 -12.45
CA LEU C 418 -13.93 -32.04 -13.38
C LEU C 418 -13.48 -31.25 -14.59
N ASN C 419 -14.38 -30.47 -15.17
CA ASN C 419 -13.94 -29.66 -16.30
C ASN C 419 -13.07 -28.49 -15.86
N GLY C 420 -13.21 -28.04 -14.60
CA GLY C 420 -12.27 -27.06 -14.08
C GLY C 420 -10.84 -27.59 -14.02
N ILE C 421 -10.67 -28.81 -13.52
CA ILE C 421 -9.31 -29.32 -13.45
C ILE C 421 -8.78 -29.75 -14.82
N THR C 422 -9.63 -30.16 -15.77
CA THR C 422 -9.02 -30.46 -17.07
C THR C 422 -8.82 -29.20 -17.91
N MET C 423 -9.49 -28.10 -17.56
CA MET C 423 -9.04 -26.82 -18.12
C MET C 423 -7.76 -26.35 -17.45
N GLY C 424 -7.50 -26.80 -16.22
CA GLY C 424 -6.15 -26.69 -15.70
C GLY C 424 -5.16 -27.57 -16.44
N LEU C 425 -5.63 -28.67 -17.02
CA LEU C 425 -4.78 -29.60 -17.76
C LEU C 425 -4.57 -29.22 -19.22
N GLU C 426 -5.47 -28.41 -19.82
CA GLU C 426 -5.34 -28.04 -21.23
C GLU C 426 -4.11 -27.19 -21.51
N THR C 427 -3.60 -26.48 -20.49
CA THR C 427 -2.39 -25.69 -20.67
C THR C 427 -1.18 -26.56 -20.99
N SER C 428 -1.10 -27.74 -20.39
CA SER C 428 -0.08 -28.71 -20.77
C SER C 428 -0.46 -29.31 -22.12
N LYS C 429 0.20 -28.83 -23.18
CA LYS C 429 -0.18 -29.20 -24.54
C LYS C 429 0.15 -30.65 -24.87
N THR C 430 1.08 -31.26 -24.14
CA THR C 430 1.34 -32.69 -24.33
C THR C 430 0.15 -33.53 -23.90
N PHE C 431 -0.55 -33.10 -22.86
CA PHE C 431 -1.74 -33.80 -22.42
C PHE C 431 -2.86 -33.68 -23.44
N MET C 432 -2.89 -32.57 -24.18
CA MET C 432 -3.78 -32.40 -25.31
C MET C 432 -3.32 -33.16 -26.54
N GLN C 433 -2.03 -33.44 -26.65
CA GLN C 433 -1.56 -34.30 -27.72
C GLN C 433 -1.96 -35.75 -27.46
N SER C 434 -1.92 -36.17 -26.20
CA SER C 434 -2.22 -37.56 -25.87
C SER C 434 -3.72 -37.82 -25.82
N PHE C 435 -4.44 -37.09 -24.98
CA PHE C 435 -5.84 -37.39 -24.70
C PHE C 435 -6.80 -36.35 -25.28
N GLY C 436 -6.51 -35.86 -26.48
CA GLY C 436 -7.16 -34.65 -26.97
C GLY C 436 -8.62 -34.84 -27.37
N VAL C 437 -8.91 -35.89 -28.14
CA VAL C 437 -10.27 -36.12 -28.62
C VAL C 437 -11.19 -36.46 -27.47
N TYR C 438 -10.69 -37.24 -26.51
CA TYR C 438 -11.42 -37.51 -25.27
C TYR C 438 -11.71 -36.23 -24.50
N THR C 439 -10.73 -35.33 -24.44
CA THR C 439 -10.89 -34.11 -23.66
C THR C 439 -11.89 -33.15 -24.30
N THR C 440 -11.82 -32.96 -25.62
CA THR C 440 -12.81 -32.09 -26.28
C THR C 440 -14.18 -32.74 -26.31
N LEU C 441 -14.24 -34.08 -26.26
CA LEU C 441 -15.52 -34.77 -26.08
C LEU C 441 -16.10 -34.45 -24.71
N PHE C 442 -15.26 -34.46 -23.67
CA PHE C 442 -15.68 -34.07 -22.32
C PHE C 442 -16.23 -32.66 -22.31
N LYS C 443 -15.50 -31.72 -22.94
CA LYS C 443 -15.89 -30.32 -23.00
C LYS C 443 -17.26 -30.15 -23.65
N GLN C 444 -17.42 -30.70 -24.87
CA GLN C 444 -18.63 -30.50 -25.65
C GLN C 444 -19.84 -31.16 -24.98
N ILE C 445 -19.66 -32.36 -24.43
CA ILE C 445 -20.79 -33.06 -23.80
C ILE C 445 -21.23 -32.34 -22.53
N VAL C 446 -20.28 -31.90 -21.70
CA VAL C 446 -20.77 -31.27 -20.48
C VAL C 446 -21.26 -29.84 -20.74
N ILE C 447 -20.85 -29.19 -21.84
CA ILE C 447 -21.46 -27.88 -22.03
C ILE C 447 -22.84 -27.99 -22.65
N THR C 448 -23.10 -29.02 -23.48
CA THR C 448 -24.47 -29.14 -23.99
C THR C 448 -25.41 -29.63 -22.90
N ILE C 449 -24.94 -30.51 -22.00
CA ILE C 449 -25.83 -30.87 -20.90
C ILE C 449 -25.89 -29.76 -19.85
N PHE C 450 -24.92 -28.85 -19.84
CA PHE C 450 -24.99 -27.66 -19.00
C PHE C 450 -26.11 -26.74 -19.46
N THR C 451 -26.19 -26.53 -20.78
CA THR C 451 -27.32 -25.79 -21.34
C THR C 451 -28.65 -26.49 -21.07
N ILE C 452 -28.64 -27.83 -21.11
CA ILE C 452 -29.83 -28.61 -20.79
C ILE C 452 -30.29 -28.36 -19.36
N GLU C 453 -29.38 -28.45 -18.39
CA GLU C 453 -29.81 -28.30 -16.99
C GLU C 453 -30.19 -26.87 -16.67
N ILE C 454 -29.53 -25.87 -17.28
CA ILE C 454 -29.92 -24.48 -17.03
C ILE C 454 -31.30 -24.20 -17.62
N ILE C 455 -31.57 -24.69 -18.83
CA ILE C 455 -32.89 -24.41 -19.40
C ILE C 455 -33.97 -25.28 -18.75
N LEU C 456 -33.59 -26.39 -18.12
CA LEU C 456 -34.55 -27.12 -17.29
C LEU C 456 -34.83 -26.35 -16.00
N ARG C 457 -33.83 -25.66 -15.46
CA ARG C 457 -34.06 -24.75 -14.34
C ARG C 457 -34.98 -23.61 -14.72
N ILE C 458 -34.94 -23.20 -15.98
CA ILE C 458 -35.93 -22.24 -16.46
C ILE C 458 -37.30 -22.88 -16.56
N TYR C 459 -37.39 -24.11 -17.10
CA TYR C 459 -38.67 -24.77 -17.31
C TYR C 459 -39.38 -25.09 -16.00
N VAL C 460 -38.65 -25.24 -14.91
CA VAL C 460 -39.32 -25.49 -13.64
C VAL C 460 -39.71 -24.20 -12.92
N HIS C 461 -38.96 -23.12 -13.12
CA HIS C 461 -39.10 -21.92 -12.32
C HIS C 461 -39.07 -20.69 -13.19
N ARG C 462 -39.85 -20.72 -14.28
CA ARG C 462 -40.05 -19.66 -15.27
C ARG C 462 -40.04 -18.22 -14.73
N ILE C 463 -40.69 -17.97 -13.60
CA ILE C 463 -40.55 -16.70 -12.91
C ILE C 463 -40.01 -16.85 -11.49
N SER C 464 -40.01 -18.06 -10.92
CA SER C 464 -39.49 -18.27 -9.57
C SER C 464 -37.98 -18.27 -9.53
N PHE C 465 -37.33 -18.28 -10.68
CA PHE C 465 -35.90 -18.30 -10.82
C PHE C 465 -35.32 -16.88 -10.86
N PHE C 466 -36.17 -15.88 -10.60
CA PHE C 466 -35.78 -14.49 -10.82
C PHE C 466 -35.09 -13.88 -9.61
N LYS C 467 -35.54 -14.20 -8.40
CA LYS C 467 -35.09 -13.50 -7.20
C LYS C 467 -33.67 -13.85 -6.78
N ASP C 468 -33.10 -14.96 -7.26
CA ASP C 468 -31.81 -15.42 -6.80
C ASP C 468 -30.69 -14.66 -7.52
N PRO C 469 -29.78 -14.02 -6.78
CA PRO C 469 -28.59 -13.44 -7.44
C PRO C 469 -27.63 -14.51 -7.93
N TRP C 470 -27.68 -15.70 -7.37
CA TRP C 470 -26.92 -16.82 -7.91
C TRP C 470 -27.48 -17.24 -9.27
N SER C 471 -28.79 -17.08 -9.45
CA SER C 471 -29.39 -17.30 -10.77
C SER C 471 -28.96 -16.22 -11.75
N LEU C 472 -28.82 -14.97 -11.27
CA LEU C 472 -28.24 -13.91 -12.07
C LEU C 472 -26.82 -14.26 -12.49
N PHE C 473 -26.06 -14.86 -11.56
CA PHE C 473 -24.69 -15.28 -11.83
C PHE C 473 -24.63 -16.36 -12.90
N ASP C 474 -25.41 -17.44 -12.73
CA ASP C 474 -25.31 -18.56 -13.66
C ASP C 474 -25.94 -18.22 -15.01
N PHE C 475 -26.95 -17.35 -15.03
CA PHE C 475 -27.50 -16.95 -16.32
C PHE C 475 -26.57 -15.98 -17.04
N PHE C 476 -25.83 -15.15 -16.30
CA PHE C 476 -24.77 -14.35 -16.92
C PHE C 476 -23.73 -15.26 -17.56
N VAL C 477 -23.32 -16.29 -16.81
CA VAL C 477 -22.31 -17.24 -17.27
C VAL C 477 -22.76 -17.99 -18.52
N VAL C 478 -24.03 -18.38 -18.57
CA VAL C 478 -24.51 -19.08 -19.75
C VAL C 478 -24.73 -18.13 -20.93
N ALA C 479 -25.45 -17.03 -20.69
CA ALA C 479 -25.92 -16.18 -21.79
C ALA C 479 -24.81 -15.37 -22.43
N ILE C 480 -23.90 -14.80 -21.63
CA ILE C 480 -22.83 -14.01 -22.22
C ILE C 480 -21.80 -14.91 -22.89
N SER C 481 -21.58 -16.10 -22.35
CA SER C 481 -20.63 -17.05 -22.91
C SER C 481 -21.32 -18.18 -23.67
N LEU C 482 -22.39 -17.88 -24.41
CA LEU C 482 -23.05 -18.92 -25.17
C LEU C 482 -22.34 -19.17 -26.49
N VAL C 483 -21.73 -18.14 -27.06
CA VAL C 483 -21.10 -18.28 -28.38
C VAL C 483 -19.66 -18.77 -28.20
N PRO C 484 -19.28 -19.88 -28.85
CA PRO C 484 -17.88 -20.33 -28.84
C PRO C 484 -17.07 -19.89 -30.04
N THR C 485 -17.68 -19.30 -31.07
CA THR C 485 -16.96 -18.80 -32.23
C THR C 485 -16.50 -17.37 -31.94
N SER C 486 -15.47 -17.29 -31.10
CA SER C 486 -14.94 -16.03 -30.60
C SER C 486 -13.49 -16.28 -30.19
N SER C 487 -12.93 -15.38 -29.38
CA SER C 487 -11.52 -15.45 -28.98
C SER C 487 -11.30 -16.42 -27.82
N CYS C 488 -11.77 -17.67 -28.01
CA CYS C 488 -11.51 -18.86 -27.17
C CYS C 488 -11.94 -18.70 -25.72
N PHE C 489 -12.69 -17.66 -25.36
CA PHE C 489 -12.84 -17.27 -23.97
C PHE C 489 -14.03 -17.92 -23.28
N GLU C 490 -14.47 -19.09 -23.78
CA GLU C 490 -15.58 -19.81 -23.17
C GLU C 490 -15.29 -20.24 -21.74
N ILE C 491 -14.02 -20.58 -21.46
CA ILE C 491 -13.62 -21.27 -20.25
C ILE C 491 -13.86 -20.49 -18.95
N LEU C 492 -14.31 -19.24 -19.03
CA LEU C 492 -14.73 -18.54 -17.82
C LEU C 492 -15.97 -19.14 -17.19
N ARG C 493 -16.68 -20.04 -17.88
CA ARG C 493 -17.76 -20.77 -17.20
C ARG C 493 -17.24 -21.74 -16.14
N VAL C 494 -15.94 -22.02 -16.10
CA VAL C 494 -15.32 -22.68 -14.95
C VAL C 494 -15.59 -21.92 -13.65
N LEU C 495 -15.74 -20.58 -13.74
CA LEU C 495 -16.13 -19.72 -12.62
C LEU C 495 -17.47 -20.13 -11.98
N ARG C 496 -18.28 -20.93 -12.68
CA ARG C 496 -19.47 -21.57 -12.12
C ARG C 496 -19.22 -22.32 -10.82
N VAL C 497 -18.01 -22.88 -10.64
CA VAL C 497 -17.69 -23.61 -9.41
C VAL C 497 -17.66 -22.72 -8.17
N LEU C 498 -17.72 -21.38 -8.35
CA LEU C 498 -17.93 -20.45 -7.25
C LEU C 498 -19.20 -20.76 -6.46
N ARG C 499 -20.19 -21.40 -7.11
CA ARG C 499 -21.40 -21.87 -6.43
C ARG C 499 -21.08 -22.78 -5.24
N LEU C 500 -20.05 -23.62 -5.38
CA LEU C 500 -19.64 -24.51 -4.30
C LEU C 500 -19.18 -23.74 -3.07
N PHE C 501 -18.59 -22.55 -3.28
CA PHE C 501 -18.17 -21.75 -2.14
C PHE C 501 -19.32 -21.03 -1.45
N ARG C 502 -20.58 -21.29 -1.84
CA ARG C 502 -21.67 -20.96 -0.93
C ARG C 502 -21.60 -21.79 0.33
N ALA C 503 -21.16 -23.06 0.21
CA ALA C 503 -21.15 -23.97 1.35
C ALA C 503 -20.09 -23.61 2.39
N VAL C 504 -19.14 -22.74 2.04
CA VAL C 504 -18.16 -22.27 3.01
C VAL C 504 -18.58 -20.91 3.57
N THR C 505 -19.62 -20.28 3.03
CA THR C 505 -20.03 -18.99 3.56
C THR C 505 -20.81 -19.10 4.88
N ALA C 506 -21.21 -20.30 5.28
CA ALA C 506 -22.11 -20.40 6.44
C ALA C 506 -21.36 -20.35 7.77
N VAL C 507 -20.57 -21.37 8.06
CA VAL C 507 -20.07 -21.55 9.43
C VAL C 507 -18.84 -20.73 9.82
N PRO C 508 -17.67 -20.77 9.12
CA PRO C 508 -16.43 -20.39 9.80
C PRO C 508 -16.12 -18.90 9.69
N GLN C 509 -16.99 -18.06 10.28
CA GLN C 509 -16.73 -16.66 10.63
C GLN C 509 -16.63 -15.72 9.42
N VAL C 510 -16.63 -16.26 8.20
CA VAL C 510 -16.55 -15.41 7.01
C VAL C 510 -17.88 -14.78 6.67
N ARG C 511 -18.95 -15.16 7.38
CA ARG C 511 -20.26 -14.56 7.16
C ARG C 511 -20.24 -13.07 7.46
N LYS C 512 -19.49 -12.67 8.49
CA LYS C 512 -19.36 -11.26 8.83
C LYS C 512 -18.59 -10.51 7.74
N ILE C 513 -17.57 -11.14 7.16
CA ILE C 513 -16.79 -10.50 6.11
C ILE C 513 -17.62 -10.33 4.84
N VAL C 514 -18.38 -11.35 4.46
CA VAL C 514 -19.18 -11.21 3.24
C VAL C 514 -20.39 -10.32 3.49
N SER C 515 -20.85 -10.22 4.74
CA SER C 515 -21.89 -9.27 5.07
C SER C 515 -21.37 -7.84 4.99
N ALA C 516 -20.12 -7.62 5.41
CA ALA C 516 -19.49 -6.31 5.22
C ALA C 516 -19.30 -6.00 3.74
N LEU C 517 -18.91 -6.99 2.95
CA LEU C 517 -18.75 -6.79 1.52
C LEU C 517 -20.08 -6.50 0.82
N ILE C 518 -21.18 -7.08 1.33
CA ILE C 518 -22.48 -6.78 0.76
C ILE C 518 -22.97 -5.41 1.20
N SER C 519 -22.74 -5.05 2.46
CA SER C 519 -23.21 -3.77 2.97
C SER C 519 -22.34 -2.59 2.54
N VAL C 520 -21.14 -2.82 1.97
CA VAL C 520 -20.28 -1.72 1.57
C VAL C 520 -20.67 -1.10 0.24
N ILE C 521 -21.65 -1.68 -0.46
CA ILE C 521 -22.11 -1.24 -1.78
C ILE C 521 -22.57 0.22 -1.87
N PRO C 522 -23.54 0.72 -1.09
CA PRO C 522 -24.12 2.03 -1.43
C PRO C 522 -23.27 3.23 -1.07
N GLY C 523 -22.07 3.02 -0.53
CA GLY C 523 -21.12 4.10 -0.39
C GLY C 523 -19.96 3.94 -1.36
N MET C 524 -19.56 2.70 -1.61
CA MET C 524 -18.45 2.45 -2.52
C MET C 524 -18.82 2.74 -3.96
N LEU C 525 -20.11 2.64 -4.31
CA LEU C 525 -20.53 3.07 -5.65
C LEU C 525 -20.40 4.58 -5.82
N SER C 526 -20.72 5.35 -4.78
CA SER C 526 -20.51 6.80 -4.85
C SER C 526 -19.02 7.14 -4.86
N VAL C 527 -18.20 6.33 -4.18
CA VAL C 527 -16.76 6.53 -4.21
C VAL C 527 -16.21 6.30 -5.61
N ILE C 528 -16.65 5.24 -6.28
CA ILE C 528 -16.16 4.97 -7.63
C ILE C 528 -16.75 5.96 -8.63
N ALA C 529 -17.92 6.53 -8.36
CA ALA C 529 -18.44 7.58 -9.26
C ALA C 529 -17.63 8.86 -9.12
N LEU C 530 -17.25 9.21 -7.88
CA LEU C 530 -16.36 10.35 -7.65
C LEU C 530 -15.01 10.12 -8.31
N MET C 531 -14.48 8.89 -8.23
CA MET C 531 -13.20 8.60 -8.86
C MET C 531 -13.30 8.67 -10.37
N THR C 532 -14.45 8.27 -10.93
CA THR C 532 -14.65 8.38 -12.37
C THR C 532 -14.72 9.83 -12.81
N LEU C 533 -15.35 10.69 -11.99
CA LEU C 533 -15.38 12.13 -12.30
C LEU C 533 -13.98 12.75 -12.25
N PHE C 534 -13.19 12.37 -11.25
CA PHE C 534 -11.82 12.86 -11.16
C PHE C 534 -10.98 12.41 -12.34
N PHE C 535 -11.09 11.13 -12.73
CA PHE C 535 -10.36 10.64 -13.89
C PHE C 535 -10.84 11.31 -15.17
N TYR C 536 -12.12 11.65 -15.24
CA TYR C 536 -12.67 12.34 -16.40
C TYR C 536 -12.07 13.72 -16.57
N ILE C 537 -12.12 14.54 -15.51
CA ILE C 537 -11.63 15.91 -15.62
C ILE C 537 -10.11 15.94 -15.76
N PHE C 538 -9.40 15.03 -15.09
CA PHE C 538 -7.96 15.05 -15.22
C PHE C 538 -7.50 14.46 -16.54
N ALA C 539 -8.28 13.56 -17.14
CA ALA C 539 -7.93 13.04 -18.45
C ALA C 539 -8.16 14.09 -19.53
N ILE C 540 -9.24 14.86 -19.42
CA ILE C 540 -9.45 15.93 -20.40
C ILE C 540 -8.43 17.05 -20.23
N MET C 541 -8.03 17.37 -18.99
CA MET C 541 -6.99 18.36 -18.76
C MET C 541 -5.63 17.88 -19.27
N ALA C 542 -5.31 16.61 -19.04
CA ALA C 542 -4.08 16.05 -19.55
C ALA C 542 -4.06 15.97 -21.06
N THR C 543 -5.22 15.78 -21.69
CA THR C 543 -5.25 15.72 -23.14
C THR C 543 -5.11 17.12 -23.74
N CYS C 544 -5.67 18.13 -23.07
CA CYS C 544 -5.48 19.49 -23.55
C CYS C 544 -4.05 19.96 -23.38
N LEU C 545 -3.37 19.49 -22.33
CA LEU C 545 -2.00 19.94 -22.11
C LEU C 545 -0.98 19.15 -22.93
N PHE C 546 -0.96 17.83 -22.79
CA PHE C 546 0.11 17.01 -23.35
C PHE C 546 -0.35 16.27 -24.58
N GLY C 547 -1.17 16.91 -25.40
CA GLY C 547 -1.80 16.23 -26.52
C GLY C 547 -0.92 15.97 -27.72
N GLU C 548 -0.43 17.05 -28.34
CA GLU C 548 0.22 16.92 -29.64
C GLU C 548 1.59 16.27 -29.55
N ARG C 549 2.48 16.84 -28.74
CA ARG C 549 3.88 16.45 -28.75
C ARG C 549 4.16 15.12 -28.06
N PHE C 550 3.15 14.40 -27.59
CA PHE C 550 3.35 13.10 -26.96
C PHE C 550 2.58 12.04 -27.72
N PRO C 551 3.23 10.98 -28.15
CA PRO C 551 2.66 10.13 -29.21
C PRO C 551 1.62 9.10 -28.79
N GLU C 552 1.81 8.48 -27.63
CA GLU C 552 1.06 7.27 -27.31
C GLU C 552 0.41 7.28 -25.95
N TRP C 553 0.88 8.12 -25.02
CA TRP C 553 0.32 8.14 -23.68
C TRP C 553 -0.82 9.12 -23.52
N PHE C 554 -1.01 10.04 -24.47
CA PHE C 554 -2.04 11.06 -24.34
C PHE C 554 -2.75 11.32 -25.66
N GLY C 555 -2.89 10.29 -26.50
CA GLY C 555 -3.52 10.47 -27.79
C GLY C 555 -5.01 10.70 -27.74
N THR C 556 -5.76 9.66 -27.40
CA THR C 556 -7.22 9.74 -27.36
C THR C 556 -7.67 10.16 -25.96
N LEU C 557 -8.96 9.97 -25.68
CA LEU C 557 -9.41 10.11 -24.31
C LEU C 557 -9.17 8.85 -23.51
N GLY C 558 -9.35 7.69 -24.14
CA GLY C 558 -9.21 6.43 -23.44
C GLY C 558 -7.78 6.13 -23.03
N GLU C 559 -6.82 6.45 -23.90
CA GLU C 559 -5.43 6.22 -23.56
C GLU C 559 -4.92 7.20 -22.52
N SER C 560 -5.43 8.43 -22.52
CA SER C 560 -5.05 9.38 -21.49
C SER C 560 -5.64 8.99 -20.14
N PHE C 561 -6.89 8.52 -20.15
CA PHE C 561 -7.48 7.91 -18.95
C PHE C 561 -6.65 6.73 -18.48
N TYR C 562 -6.15 5.93 -19.41
CA TYR C 562 -5.33 4.78 -19.05
C TYR C 562 -4.01 5.20 -18.41
N THR C 563 -3.36 6.23 -18.97
CA THR C 563 -2.09 6.68 -18.43
C THR C 563 -2.25 7.30 -17.05
N LEU C 564 -3.31 8.08 -16.85
CA LEU C 564 -3.52 8.63 -15.51
C LEU C 564 -4.00 7.56 -14.53
N PHE C 565 -4.65 6.51 -15.02
CA PHE C 565 -4.94 5.37 -14.17
C PHE C 565 -3.65 4.67 -13.76
N GLN C 566 -2.69 4.57 -14.66
CA GLN C 566 -1.42 3.94 -14.32
C GLN C 566 -0.61 4.80 -13.37
N VAL C 567 -0.77 6.13 -13.46
CA VAL C 567 -0.18 7.01 -12.46
C VAL C 567 -0.83 6.77 -11.10
N MET C 568 -2.13 6.48 -11.09
CA MET C 568 -2.78 6.06 -9.84
C MET C 568 -2.25 4.72 -9.34
N THR C 569 -1.90 3.80 -10.23
CA THR C 569 -1.33 2.52 -9.77
C THR C 569 0.11 2.64 -9.30
N LEU C 570 0.72 3.82 -9.44
CA LEU C 570 1.98 4.19 -8.81
C LEU C 570 3.12 3.27 -9.22
N GLU C 571 3.44 3.34 -10.51
CA GLU C 571 4.64 2.69 -11.02
C GLU C 571 5.19 3.49 -12.18
N SER C 572 6.43 3.98 -11.99
CA SER C 572 7.21 4.65 -13.03
C SER C 572 6.49 5.86 -13.59
N TRP C 573 5.80 6.59 -12.73
CA TRP C 573 5.35 7.90 -13.13
C TRP C 573 6.53 8.84 -13.27
N SER C 574 7.61 8.62 -12.51
CA SER C 574 8.79 9.46 -12.69
C SER C 574 9.59 9.06 -13.91
N MET C 575 10.15 7.84 -13.89
CA MET C 575 11.10 7.42 -14.90
C MET C 575 10.43 6.83 -16.13
N GLY C 576 9.12 6.89 -16.22
CA GLY C 576 8.44 6.50 -17.44
C GLY C 576 7.55 7.58 -17.99
N ILE C 577 7.08 8.49 -17.13
CA ILE C 577 6.16 9.54 -17.53
C ILE C 577 6.72 10.93 -17.29
N VAL C 578 7.40 11.16 -16.16
CA VAL C 578 7.82 12.52 -15.84
C VAL C 578 9.05 12.92 -16.66
N ARG C 579 10.11 12.12 -16.62
CA ARG C 579 11.37 12.53 -17.24
C ARG C 579 11.32 12.73 -18.76
N PRO C 580 10.48 12.05 -19.54
CA PRO C 580 10.22 12.58 -20.89
C PRO C 580 9.40 13.85 -20.90
N LEU C 581 8.58 14.09 -19.89
CA LEU C 581 7.70 15.25 -19.91
C LEU C 581 8.43 16.53 -19.51
N MET C 582 9.38 16.44 -18.58
CA MET C 582 10.17 17.58 -18.18
C MET C 582 11.28 17.90 -19.17
N GLU C 583 11.49 17.05 -20.17
CA GLU C 583 12.40 17.39 -21.25
C GLU C 583 11.82 18.44 -22.18
N VAL C 584 10.50 18.62 -22.16
CA VAL C 584 9.83 19.65 -22.96
C VAL C 584 9.16 20.69 -22.07
N TYR C 585 8.26 20.25 -21.20
CA TYR C 585 7.50 21.16 -20.35
C TYR C 585 8.14 21.23 -18.98
N PRO C 586 8.74 22.36 -18.57
CA PRO C 586 9.42 22.43 -17.28
C PRO C 586 8.49 22.70 -16.12
N TYR C 587 7.18 22.83 -16.35
CA TYR C 587 6.22 23.04 -15.27
C TYR C 587 4.99 22.17 -15.49
N ALA C 588 5.25 20.90 -15.79
CA ALA C 588 4.23 19.87 -15.82
C ALA C 588 4.20 19.03 -14.55
N TRP C 589 5.14 19.27 -13.63
CA TRP C 589 5.15 18.51 -12.39
C TRP C 589 4.04 18.95 -11.47
N VAL C 590 3.62 20.22 -11.56
CA VAL C 590 2.58 20.75 -10.69
C VAL C 590 1.20 20.29 -11.14
N PHE C 591 1.11 19.57 -12.26
CA PHE C 591 -0.13 18.90 -12.62
C PHE C 591 -0.19 17.49 -12.03
N PHE C 592 0.96 16.80 -11.98
CA PHE C 592 0.97 15.44 -11.45
C PHE C 592 0.92 15.39 -9.92
N ILE C 593 1.70 16.24 -9.26
CA ILE C 593 1.88 16.12 -7.80
C ILE C 593 0.58 16.28 -7.01
N PRO C 594 -0.37 17.15 -7.37
CA PRO C 594 -1.69 17.04 -6.71
C PRO C 594 -2.45 15.78 -7.07
N PHE C 595 -2.30 15.27 -8.29
CA PHE C 595 -3.14 14.17 -8.77
C PHE C 595 -2.79 12.85 -8.08
N ILE C 596 -1.49 12.54 -8.01
CA ILE C 596 -0.99 11.35 -7.35
C ILE C 596 -1.31 11.39 -5.87
N PHE C 597 -1.46 12.58 -5.29
CA PHE C 597 -1.91 12.71 -3.92
C PHE C 597 -3.40 12.40 -3.81
N VAL C 598 -4.23 13.06 -4.62
CA VAL C 598 -5.67 13.06 -4.37
C VAL C 598 -6.30 11.71 -4.70
N VAL C 599 -5.84 11.04 -5.76
CA VAL C 599 -6.57 9.83 -6.13
C VAL C 599 -6.10 8.63 -5.30
N THR C 600 -4.81 8.59 -4.93
CA THR C 600 -4.36 7.57 -3.99
C THR C 600 -4.93 7.81 -2.59
N PHE C 601 -5.17 9.07 -2.22
CA PHE C 601 -5.81 9.37 -0.95
C PHE C 601 -7.27 8.90 -0.95
N VAL C 602 -7.97 9.03 -2.08
CA VAL C 602 -9.33 8.52 -2.16
C VAL C 602 -9.33 6.99 -2.16
N MET C 603 -8.32 6.37 -2.77
CA MET C 603 -8.23 4.90 -2.75
C MET C 603 -7.88 4.40 -1.35
N ILE C 604 -7.26 5.23 -0.53
CA ILE C 604 -7.09 4.88 0.88
C ILE C 604 -8.40 5.08 1.65
N ASN C 605 -9.15 6.13 1.31
CA ASN C 605 -10.45 6.39 1.95
C ASN C 605 -11.46 5.27 1.69
N LEU C 606 -11.32 4.57 0.55
CA LEU C 606 -12.11 3.38 0.31
C LEU C 606 -11.83 2.30 1.36
N VAL C 607 -10.55 2.13 1.73
CA VAL C 607 -10.18 1.17 2.76
C VAL C 607 -10.74 1.58 4.10
N VAL C 608 -10.74 2.89 4.37
CA VAL C 608 -11.36 3.41 5.59
C VAL C 608 -12.84 3.09 5.64
N ALA C 609 -13.55 3.28 4.54
CA ALA C 609 -14.99 3.03 4.49
C ALA C 609 -15.30 1.56 4.68
N ILE C 610 -14.51 0.67 4.06
CA ILE C 610 -14.81 -0.75 4.25
C ILE C 610 -14.41 -1.26 5.63
N ILE C 611 -13.41 -0.66 6.28
CA ILE C 611 -13.09 -1.09 7.66
C ILE C 611 -14.18 -0.60 8.63
N VAL C 612 -14.69 0.63 8.46
CA VAL C 612 -15.73 1.06 9.39
C VAL C 612 -17.04 0.35 9.10
N ASP C 613 -17.26 -0.09 7.86
CA ASP C 613 -18.45 -0.90 7.61
C ASP C 613 -18.26 -2.31 8.17
N ALA C 614 -17.04 -2.83 8.19
CA ALA C 614 -16.83 -4.13 8.80
C ALA C 614 -16.78 -4.09 10.32
N MET C 615 -16.70 -2.91 10.94
CA MET C 615 -16.87 -2.85 12.38
C MET C 615 -18.25 -2.36 12.84
N ALA C 616 -19.04 -1.79 11.94
CA ALA C 616 -20.39 -1.38 12.33
C ALA C 616 -21.25 -2.58 12.70
N ILE C 617 -21.09 -3.70 11.99
CA ILE C 617 -21.83 -4.92 12.33
C ILE C 617 -21.30 -5.51 13.64
N LEU C 618 -20.03 -5.27 13.96
CA LEU C 618 -19.47 -5.70 15.23
C LEU C 618 -20.08 -4.92 16.39
N ASN C 619 -20.09 -3.59 16.29
CA ASN C 619 -20.65 -2.73 17.32
C ASN C 619 -22.17 -2.74 17.36
N GLN C 620 -22.81 -3.35 16.36
CA GLN C 620 -24.24 -3.66 16.43
C GLN C 620 -24.59 -4.61 17.57
N LYS C 621 -23.64 -5.43 18.03
CA LYS C 621 -23.91 -6.48 19.00
C LYS C 621 -23.84 -6.02 20.45
N GLU C 622 -23.86 -4.71 20.71
CA GLU C 622 -23.85 -4.18 22.06
C GLU C 622 -25.11 -3.38 22.38
N GLU C 623 -26.07 -3.32 21.47
CA GLU C 623 -27.32 -2.61 21.72
C GLU C 623 -28.47 -3.32 21.06
N MET D 395 16.71 -43.08 36.67
CA MET D 395 15.74 -43.97 36.04
C MET D 395 15.00 -43.25 34.91
N TYR D 396 13.89 -43.86 34.47
CA TYR D 396 13.03 -43.26 33.46
C TYR D 396 12.53 -41.90 33.91
N LEU D 397 12.09 -41.80 35.17
CA LEU D 397 11.62 -40.53 35.70
C LEU D 397 12.74 -39.52 35.80
N ALA D 398 13.95 -39.96 36.17
CA ALA D 398 15.07 -39.04 36.29
C ALA D 398 15.51 -38.50 34.93
N ILE D 399 15.43 -39.32 33.87
CA ILE D 399 15.75 -38.84 32.54
C ILE D 399 14.67 -37.88 32.05
N THR D 400 13.40 -38.16 32.36
CA THR D 400 12.35 -37.21 32.02
C THR D 400 12.45 -35.92 32.83
N ASN D 401 13.13 -35.94 33.98
CA ASN D 401 13.45 -34.68 34.64
C ASN D 401 14.63 -34.00 33.97
N ILE D 402 15.66 -34.75 33.61
CA ILE D 402 16.89 -34.15 33.11
C ILE D 402 16.73 -33.61 31.71
N VAL D 403 15.69 -34.05 30.98
CA VAL D 403 15.43 -33.42 29.68
C VAL D 403 14.85 -32.03 29.90
N GLU D 404 14.05 -31.83 30.94
CA GLU D 404 13.43 -30.55 31.21
C GLU D 404 14.27 -29.66 32.11
N SER D 405 15.55 -29.98 32.27
CA SER D 405 16.43 -29.18 33.11
C SER D 405 16.68 -27.84 32.43
N SER D 406 16.44 -26.75 33.16
CA SER D 406 16.56 -25.41 32.59
C SER D 406 18.00 -25.08 32.24
N PHE D 407 18.96 -25.67 32.97
CA PHE D 407 20.37 -25.50 32.66
C PHE D 407 20.70 -26.01 31.26
N PHE D 408 20.37 -27.27 30.99
CA PHE D 408 20.76 -27.85 29.70
C PHE D 408 19.88 -27.33 28.57
N THR D 409 18.62 -26.98 28.87
CA THR D 409 17.76 -26.40 27.85
C THR D 409 18.23 -25.01 27.44
N LYS D 410 18.57 -24.17 28.43
CA LYS D 410 19.20 -22.89 28.12
C LYS D 410 20.57 -23.06 27.48
N PHE D 411 21.24 -24.19 27.73
CA PHE D 411 22.47 -24.47 27.00
C PHE D 411 22.21 -24.76 25.53
N ILE D 412 21.12 -25.49 25.23
CA ILE D 412 20.70 -25.69 23.83
C ILE D 412 20.40 -24.35 23.16
N ILE D 413 19.73 -23.45 23.89
CA ILE D 413 19.43 -22.12 23.36
C ILE D 413 20.72 -21.32 23.16
N TYR D 414 21.68 -21.48 24.08
CA TYR D 414 22.98 -20.82 23.99
C TYR D 414 23.74 -21.25 22.74
N LEU D 415 23.85 -22.56 22.52
CA LEU D 415 24.61 -23.03 21.37
C LEU D 415 23.85 -22.81 20.06
N ILE D 416 22.51 -22.73 20.10
CA ILE D 416 21.82 -22.50 18.83
C ILE D 416 21.91 -21.02 18.44
N VAL D 417 21.92 -20.08 19.39
CA VAL D 417 22.17 -18.70 18.99
C VAL D 417 23.65 -18.50 18.67
N LEU D 418 24.54 -19.32 19.26
CA LEU D 418 25.95 -19.30 18.91
C LEU D 418 26.18 -19.71 17.46
N ASN D 419 25.56 -20.80 17.02
CA ASN D 419 25.75 -21.17 15.64
C ASN D 419 24.92 -20.30 14.70
N GLY D 420 23.89 -19.63 15.23
CA GLY D 420 23.20 -18.62 14.43
C GLY D 420 24.10 -17.45 14.07
N ILE D 421 24.83 -16.93 15.05
CA ILE D 421 25.76 -15.86 14.69
C ILE D 421 26.99 -16.42 13.97
N THR D 422 27.28 -17.71 14.10
CA THR D 422 28.33 -18.30 13.27
C THR D 422 27.90 -18.37 11.80
N MET D 423 26.63 -18.66 11.55
CA MET D 423 26.11 -18.54 10.19
C MET D 423 26.02 -17.09 9.75
N GLY D 424 25.90 -16.15 10.69
CA GLY D 424 26.09 -14.75 10.36
C GLY D 424 27.53 -14.43 9.98
N LEU D 425 28.48 -15.18 10.52
CA LEU D 425 29.89 -14.98 10.21
C LEU D 425 30.36 -15.73 8.97
N GLU D 426 29.64 -16.79 8.54
CA GLU D 426 30.06 -17.58 7.39
C GLU D 426 29.99 -16.79 6.09
N THR D 427 29.17 -15.74 6.03
CA THR D 427 29.10 -14.90 4.84
C THR D 427 30.42 -14.17 4.60
N SER D 428 31.08 -13.72 5.65
CA SER D 428 32.41 -13.15 5.52
C SER D 428 33.39 -14.30 5.28
N LYS D 429 33.80 -14.48 4.01
CA LYS D 429 34.59 -15.64 3.62
C LYS D 429 36.00 -15.60 4.17
N THR D 430 36.50 -14.42 4.55
CA THR D 430 37.79 -14.33 5.19
C THR D 430 37.78 -14.97 6.57
N PHE D 431 36.65 -14.84 7.28
CA PHE D 431 36.54 -15.47 8.59
C PHE D 431 36.49 -16.98 8.46
N MET D 432 35.91 -17.49 7.37
CA MET D 432 35.96 -18.90 7.07
C MET D 432 37.32 -19.35 6.56
N GLN D 433 38.08 -18.43 5.97
CA GLN D 433 39.45 -18.75 5.60
C GLN D 433 40.33 -18.88 6.82
N SER D 434 40.11 -18.04 7.83
CA SER D 434 40.97 -18.04 9.01
C SER D 434 40.61 -19.16 9.98
N PHE D 435 39.32 -19.30 10.32
CA PHE D 435 38.91 -20.19 11.39
C PHE D 435 38.04 -21.34 10.90
N GLY D 436 38.41 -21.94 9.76
CA GLY D 436 37.47 -22.78 9.02
C GLY D 436 37.19 -24.12 9.70
N VAL D 437 38.25 -24.84 10.09
CA VAL D 437 38.09 -26.17 10.67
C VAL D 437 37.39 -26.08 12.02
N TYR D 438 37.68 -25.02 12.78
CA TYR D 438 37.00 -24.77 14.04
C TYR D 438 35.51 -24.52 13.83
N THR D 439 35.16 -23.71 12.84
CA THR D 439 33.75 -23.41 12.58
C THR D 439 32.97 -24.61 12.07
N THR D 440 33.56 -25.39 11.16
CA THR D 440 32.82 -26.56 10.69
C THR D 440 32.77 -27.65 11.76
N LEU D 441 33.74 -27.67 12.67
CA LEU D 441 33.66 -28.52 13.85
C LEU D 441 32.49 -28.10 14.73
N PHE D 442 32.33 -26.79 14.92
CA PHE D 442 31.19 -26.24 15.68
C PHE D 442 29.87 -26.67 15.05
N LYS D 443 29.76 -26.53 13.72
CA LYS D 443 28.54 -26.87 12.99
C LYS D 443 28.19 -28.33 13.14
N GLN D 444 29.15 -29.22 12.84
CA GLN D 444 28.88 -30.66 12.85
C GLN D 444 28.57 -31.16 14.26
N ILE D 445 29.29 -30.66 15.27
CA ILE D 445 29.07 -31.12 16.63
C ILE D 445 27.70 -30.65 17.15
N VAL D 446 27.34 -29.39 16.89
CA VAL D 446 26.06 -28.97 17.45
C VAL D 446 24.88 -29.53 16.65
N ILE D 447 25.06 -29.88 15.37
CA ILE D 447 23.91 -30.51 14.72
C ILE D 447 23.80 -31.97 15.13
N THR D 448 24.91 -32.63 15.44
CA THR D 448 24.85 -34.00 15.93
C THR D 448 24.18 -34.06 17.29
N ILE D 449 24.61 -33.19 18.21
CA ILE D 449 23.96 -33.15 19.51
C ILE D 449 22.55 -32.56 19.43
N PHE D 450 22.24 -31.82 18.37
CA PHE D 450 20.88 -31.35 18.15
C PHE D 450 19.94 -32.49 17.82
N THR D 451 20.36 -33.38 16.91
CA THR D 451 19.60 -34.61 16.66
C THR D 451 19.52 -35.47 17.92
N ILE D 452 20.60 -35.48 18.72
CA ILE D 452 20.59 -36.22 19.99
C ILE D 452 19.50 -35.70 20.92
N GLU D 453 19.44 -34.38 21.13
CA GLU D 453 18.47 -33.85 22.09
C GLU D 453 17.05 -33.95 21.57
N ILE D 454 16.84 -33.81 20.25
CA ILE D 454 15.49 -33.96 19.73
C ILE D 454 15.02 -35.41 19.86
N ILE D 455 15.88 -36.39 19.56
CA ILE D 455 15.43 -37.77 19.69
C ILE D 455 15.36 -38.19 21.16
N LEU D 456 16.06 -37.49 22.05
CA LEU D 456 15.85 -37.73 23.48
C LEU D 456 14.51 -37.15 23.92
N ARG D 457 14.10 -36.02 23.32
CA ARG D 457 12.75 -35.51 23.55
C ARG D 457 11.69 -36.46 23.06
N ILE D 458 12.01 -37.22 22.00
CA ILE D 458 11.11 -38.30 21.59
C ILE D 458 11.11 -39.42 22.62
N TYR D 459 12.29 -39.82 23.09
CA TYR D 459 12.40 -40.95 24.02
C TYR D 459 11.74 -40.68 25.36
N VAL D 460 11.62 -39.42 25.76
CA VAL D 460 10.93 -39.16 27.02
C VAL D 460 9.42 -39.00 26.83
N HIS D 461 8.99 -38.54 25.67
CA HIS D 461 7.59 -38.16 25.47
C HIS D 461 7.07 -38.67 24.15
N ARG D 462 7.32 -39.96 23.89
CA ARG D 462 6.89 -40.74 22.72
C ARG D 462 5.53 -40.39 22.13
N ILE D 463 4.52 -40.17 22.97
CA ILE D 463 3.25 -39.62 22.51
C ILE D 463 2.89 -38.32 23.21
N SER D 464 3.54 -37.99 24.33
CA SER D 464 3.25 -36.73 25.03
C SER D 464 3.83 -35.52 24.31
N PHE D 465 4.67 -35.74 23.32
CA PHE D 465 5.32 -34.71 22.55
C PHE D 465 4.48 -34.29 21.35
N PHE D 466 3.26 -34.84 21.24
CA PHE D 466 2.45 -34.67 20.05
C PHE D 466 1.64 -33.38 20.08
N LYS D 467 1.13 -33.00 21.25
CA LYS D 467 0.16 -31.92 21.36
C LYS D 467 0.74 -30.53 21.13
N ASP D 468 2.07 -30.38 21.22
CA ASP D 468 2.68 -29.05 21.15
C ASP D 468 2.89 -28.63 19.69
N PRO D 469 2.38 -27.47 19.28
CA PRO D 469 2.71 -26.97 17.94
C PRO D 469 4.14 -26.51 17.84
N TRP D 470 4.77 -26.18 18.97
CA TRP D 470 6.20 -25.90 18.96
C TRP D 470 6.99 -27.18 18.69
N SER D 471 6.46 -28.32 19.12
CA SER D 471 7.06 -29.60 18.77
C SER D 471 6.87 -29.91 17.30
N LEU D 472 5.72 -29.53 16.74
CA LEU D 472 5.51 -29.60 15.29
C LEU D 472 6.54 -28.75 14.56
N PHE D 473 6.83 -27.57 15.11
CA PHE D 473 7.81 -26.66 14.53
C PHE D 473 9.21 -27.27 14.56
N ASP D 474 9.67 -27.73 15.72
CA ASP D 474 11.04 -28.23 15.82
C ASP D 474 11.22 -29.57 15.11
N PHE D 475 10.18 -30.39 15.05
CA PHE D 475 10.29 -31.62 14.30
C PHE D 475 10.24 -31.36 12.79
N PHE D 476 9.53 -30.33 12.36
CA PHE D 476 9.61 -29.92 10.96
C PHE D 476 11.03 -29.48 10.62
N VAL D 477 11.62 -28.67 11.50
CA VAL D 477 12.97 -28.15 11.30
C VAL D 477 14.00 -29.28 11.27
N VAL D 478 13.83 -30.29 12.11
CA VAL D 478 14.80 -31.39 12.09
C VAL D 478 14.55 -32.33 10.90
N ALA D 479 13.30 -32.75 10.69
CA ALA D 479 13.02 -33.81 9.74
C ALA D 479 13.12 -33.37 8.30
N ILE D 480 12.64 -32.16 7.97
CA ILE D 480 12.72 -31.72 6.58
C ILE D 480 14.15 -31.32 6.22
N SER D 481 14.89 -30.78 7.18
CA SER D 481 16.28 -30.40 6.98
C SER D 481 17.26 -31.43 7.52
N LEU D 482 16.94 -32.72 7.41
CA LEU D 482 17.85 -33.73 7.90
C LEU D 482 18.97 -34.01 6.91
N VAL D 483 18.70 -33.86 5.63
CA VAL D 483 19.68 -34.20 4.60
C VAL D 483 20.57 -32.98 4.32
N PRO D 484 21.89 -33.10 4.45
CA PRO D 484 22.79 -32.01 4.05
C PRO D 484 23.38 -32.15 2.66
N THR D 485 23.17 -33.27 1.97
CA THR D 485 23.64 -33.45 0.60
C THR D 485 22.58 -32.89 -0.35
N SER D 486 22.51 -31.56 -0.38
CA SER D 486 21.53 -30.82 -1.16
C SER D 486 22.13 -29.44 -1.44
N SER D 487 21.28 -28.49 -1.83
CA SER D 487 21.74 -27.14 -2.17
C SER D 487 21.93 -26.26 -0.94
N CYS D 488 22.79 -26.74 -0.03
CA CYS D 488 23.40 -26.01 1.09
C CYS D 488 22.39 -25.43 2.09
N PHE D 489 21.10 -25.79 2.01
CA PHE D 489 20.08 -25.05 2.74
C PHE D 489 19.78 -25.65 4.11
N GLU D 490 20.76 -26.26 4.76
CA GLU D 490 20.60 -26.73 6.13
C GLU D 490 20.33 -25.57 7.10
N ILE D 491 20.93 -24.41 6.82
CA ILE D 491 21.06 -23.31 7.77
C ILE D 491 19.74 -22.69 8.20
N LEU D 492 18.61 -23.09 7.61
CA LEU D 492 17.33 -22.64 8.12
C LEU D 492 16.99 -23.20 9.49
N ARG D 493 17.77 -24.18 10.00
CA ARG D 493 17.60 -24.58 11.39
C ARG D 493 18.03 -23.50 12.38
N VAL D 494 18.73 -22.45 11.93
CA VAL D 494 18.89 -21.22 12.74
C VAL D 494 17.55 -20.64 13.16
N LEU D 495 16.50 -20.84 12.33
CA LEU D 495 15.12 -20.46 12.65
C LEU D 495 14.60 -21.09 13.95
N ARG D 496 15.26 -22.16 14.44
CA ARG D 496 15.00 -22.74 15.75
C ARG D 496 15.04 -21.71 16.89
N VAL D 497 15.86 -20.67 16.76
CA VAL D 497 15.94 -19.64 17.81
C VAL D 497 14.65 -18.84 17.97
N LEU D 498 13.69 -19.01 17.04
CA LEU D 498 12.33 -18.50 17.23
C LEU D 498 11.69 -18.98 18.53
N ARG D 499 12.11 -20.15 19.03
CA ARG D 499 11.69 -20.65 20.34
C ARG D 499 11.94 -19.64 21.46
N LEU D 500 13.05 -18.91 21.38
CA LEU D 500 13.37 -17.89 22.38
C LEU D 500 12.34 -16.77 22.40
N PHE D 501 11.72 -16.48 21.25
CA PHE D 501 10.69 -15.46 21.23
C PHE D 501 9.36 -15.92 21.80
N ARG D 502 9.28 -17.13 22.37
CA ARG D 502 8.17 -17.41 23.27
C ARG D 502 8.27 -16.57 24.53
N ALA D 503 9.51 -16.29 24.99
CA ALA D 503 9.70 -15.57 26.24
C ALA D 503 9.32 -14.10 26.14
N VAL D 504 9.14 -13.57 24.92
CA VAL D 504 8.65 -12.21 24.75
C VAL D 504 7.16 -12.20 24.44
N THR D 505 6.53 -13.37 24.23
CA THR D 505 5.12 -13.36 23.91
C THR D 505 4.23 -13.13 25.14
N ALA D 506 4.77 -13.22 26.34
CA ALA D 506 3.91 -13.16 27.52
C ALA D 506 3.56 -11.73 27.92
N VAL D 507 4.55 -10.94 28.33
CA VAL D 507 4.27 -9.69 29.04
C VAL D 507 3.88 -8.50 28.15
N PRO D 508 4.71 -8.00 27.21
CA PRO D 508 4.53 -6.60 26.80
C PRO D 508 3.57 -6.45 25.63
N GLN D 509 2.28 -6.76 25.86
CA GLN D 509 1.13 -6.35 25.05
C GLN D 509 1.06 -7.00 23.67
N VAL D 510 2.09 -7.76 23.27
CA VAL D 510 2.05 -8.46 21.98
C VAL D 510 1.21 -9.72 22.03
N ARG D 511 0.73 -10.09 23.22
CA ARG D 511 -0.14 -11.25 23.37
C ARG D 511 -1.43 -11.05 22.61
N LYS D 512 -1.96 -9.82 22.62
CA LYS D 512 -3.17 -9.52 21.88
C LYS D 512 -2.94 -9.60 20.37
N ILE D 513 -1.75 -9.16 19.91
CA ILE D 513 -1.44 -9.21 18.50
C ILE D 513 -1.28 -10.65 18.02
N VAL D 514 -0.60 -11.48 18.80
CA VAL D 514 -0.42 -12.87 18.37
C VAL D 514 -1.71 -13.65 18.54
N SER D 515 -2.58 -13.23 19.48
CA SER D 515 -3.90 -13.83 19.57
C SER D 515 -4.77 -13.47 18.36
N ALA D 516 -4.64 -12.23 17.86
CA ALA D 516 -5.31 -11.86 16.63
C ALA D 516 -4.77 -12.64 15.44
N LEU D 517 -3.45 -12.84 15.39
CA LEU D 517 -2.86 -13.60 14.30
C LEU D 517 -3.26 -15.07 14.36
N ILE D 518 -3.48 -15.61 15.56
CA ILE D 518 -3.93 -16.99 15.68
C ILE D 518 -5.42 -17.09 15.33
N SER D 519 -6.22 -16.13 15.76
CA SER D 519 -7.65 -16.20 15.49
C SER D 519 -8.03 -15.77 14.08
N VAL D 520 -7.11 -15.20 13.29
CA VAL D 520 -7.46 -14.77 11.94
C VAL D 520 -7.41 -15.91 10.94
N ILE D 521 -7.01 -17.11 11.36
CA ILE D 521 -6.87 -18.29 10.50
C ILE D 521 -8.15 -18.71 9.75
N PRO D 522 -9.30 -18.98 10.39
CA PRO D 522 -10.39 -19.63 9.64
C PRO D 522 -11.15 -18.72 8.70
N GLY D 523 -10.77 -17.45 8.57
CA GLY D 523 -11.29 -16.61 7.51
C GLY D 523 -10.23 -16.35 6.46
N MET D 524 -8.98 -16.20 6.90
CA MET D 524 -7.90 -15.93 5.96
C MET D 524 -7.60 -17.13 5.08
N LEU D 525 -7.88 -18.34 5.55
CA LEU D 525 -7.74 -19.51 4.68
C LEU D 525 -8.79 -19.50 3.56
N SER D 526 -10.02 -19.07 3.87
CA SER D 526 -11.02 -18.93 2.81
C SER D 526 -10.67 -17.79 1.86
N VAL D 527 -10.06 -16.74 2.39
CA VAL D 527 -9.60 -15.63 1.54
C VAL D 527 -8.52 -16.10 0.57
N ILE D 528 -7.57 -16.90 1.05
CA ILE D 528 -6.52 -17.39 0.15
C ILE D 528 -7.06 -18.46 -0.80
N ALA D 529 -8.13 -19.17 -0.43
CA ALA D 529 -8.74 -20.11 -1.36
C ALA D 529 -9.47 -19.36 -2.49
N LEU D 530 -10.16 -18.27 -2.14
CA LEU D 530 -10.76 -17.40 -3.14
C LEU D 530 -9.70 -16.81 -4.06
N MET D 531 -8.57 -16.39 -3.50
CA MET D 531 -7.50 -15.81 -4.31
C MET D 531 -6.88 -16.86 -5.23
N THR D 532 -6.78 -18.10 -4.75
CA THR D 532 -6.26 -19.18 -5.59
C THR D 532 -7.21 -19.50 -6.75
N LEU D 533 -8.52 -19.45 -6.48
CA LEU D 533 -9.50 -19.67 -7.55
C LEU D 533 -9.45 -18.55 -8.60
N PHE D 534 -9.33 -17.30 -8.14
CA PHE D 534 -9.22 -16.18 -9.06
C PHE D 534 -7.96 -16.27 -9.91
N PHE D 535 -6.82 -16.60 -9.28
CA PHE D 535 -5.58 -16.77 -10.04
C PHE D 535 -5.67 -17.95 -11.00
N TYR D 536 -6.41 -18.99 -10.63
CA TYR D 536 -6.60 -20.16 -11.49
C TYR D 536 -7.36 -19.79 -12.75
N ILE D 537 -8.53 -19.15 -12.60
CA ILE D 537 -9.34 -18.85 -13.77
C ILE D 537 -8.70 -17.76 -14.61
N PHE D 538 -8.04 -16.79 -13.99
CA PHE D 538 -7.42 -15.75 -14.78
C PHE D 538 -6.13 -16.21 -15.44
N ALA D 539 -5.45 -17.20 -14.85
CA ALA D 539 -4.28 -17.75 -15.50
C ALA D 539 -4.66 -18.60 -16.71
N ILE D 540 -5.75 -19.37 -16.59
CA ILE D 540 -6.18 -20.16 -17.74
C ILE D 540 -6.73 -19.27 -18.86
N MET D 541 -7.44 -18.19 -18.49
CA MET D 541 -7.91 -17.24 -19.51
C MET D 541 -6.75 -16.50 -20.16
N ALA D 542 -5.76 -16.12 -19.37
CA ALA D 542 -4.57 -15.47 -19.92
C ALA D 542 -3.77 -16.40 -20.81
N THR D 543 -3.76 -17.70 -20.51
CA THR D 543 -3.00 -18.61 -21.35
C THR D 543 -3.76 -18.92 -22.64
N CYS D 544 -5.10 -18.91 -22.59
CA CYS D 544 -5.85 -19.06 -23.83
C CYS D 544 -5.70 -17.84 -24.72
N LEU D 545 -5.60 -16.65 -24.13
CA LEU D 545 -5.50 -15.45 -24.95
C LEU D 545 -4.07 -15.18 -25.44
N PHE D 546 -3.12 -15.06 -24.53
CA PHE D 546 -1.78 -14.58 -24.87
C PHE D 546 -0.78 -15.72 -24.92
N GLY D 547 -1.22 -16.88 -25.40
CA GLY D 547 -0.41 -18.07 -25.33
C GLY D 547 0.74 -18.16 -26.32
N GLU D 548 0.42 -18.15 -27.61
CA GLU D 548 1.41 -18.48 -28.63
C GLU D 548 2.42 -17.35 -28.84
N ARG D 549 1.94 -16.15 -29.12
CA ARG D 549 2.79 -15.07 -29.60
C ARG D 549 3.64 -14.42 -28.51
N PHE D 550 3.65 -14.93 -27.29
CA PHE D 550 4.46 -14.38 -26.22
C PHE D 550 5.30 -15.48 -25.58
N PRO D 551 6.61 -15.30 -25.47
CA PRO D 551 7.50 -16.43 -25.27
C PRO D 551 7.65 -16.93 -23.83
N GLU D 552 7.66 -16.03 -22.86
CA GLU D 552 8.13 -16.36 -21.53
C GLU D 552 7.19 -15.96 -20.41
N TRP D 553 6.27 -15.03 -20.65
CA TRP D 553 5.36 -14.58 -19.62
C TRP D 553 4.07 -15.40 -19.57
N PHE D 554 3.75 -16.14 -20.63
CA PHE D 554 2.50 -16.86 -20.67
C PHE D 554 2.65 -18.25 -21.29
N GLY D 555 3.81 -18.86 -21.11
CA GLY D 555 4.05 -20.17 -21.70
C GLY D 555 3.27 -21.29 -21.06
N THR D 556 3.64 -21.67 -19.84
CA THR D 556 3.02 -22.77 -19.14
C THR D 556 1.84 -22.25 -18.33
N LEU D 557 1.36 -23.08 -17.40
CA LEU D 557 0.38 -22.58 -16.44
C LEU D 557 1.07 -21.91 -15.26
N GLY D 558 2.21 -22.45 -14.83
CA GLY D 558 2.90 -21.91 -13.68
C GLY D 558 3.49 -20.54 -13.94
N GLU D 559 4.06 -20.33 -15.12
CA GLU D 559 4.61 -19.03 -15.45
C GLU D 559 3.52 -17.99 -15.70
N SER D 560 2.37 -18.40 -16.23
CA SER D 560 1.27 -17.47 -16.39
C SER D 560 0.68 -17.07 -15.06
N PHE D 561 0.55 -18.04 -14.14
CA PHE D 561 0.19 -17.73 -12.76
C PHE D 561 1.19 -16.80 -12.13
N TYR D 562 2.47 -16.99 -12.42
CA TYR D 562 3.52 -16.12 -11.88
C TYR D 562 3.40 -14.70 -12.41
N THR D 563 3.13 -14.55 -13.71
CA THR D 563 3.02 -13.22 -14.29
C THR D 563 1.79 -12.49 -13.79
N LEU D 564 0.67 -13.20 -13.62
CA LEU D 564 -0.50 -12.52 -13.06
C LEU D 564 -0.33 -12.26 -11.57
N PHE D 565 0.47 -13.07 -10.88
CA PHE D 565 0.83 -12.73 -9.51
C PHE D 565 1.67 -11.46 -9.47
N GLN D 566 2.57 -11.30 -10.43
CA GLN D 566 3.38 -10.08 -10.45
C GLN D 566 2.55 -8.87 -10.83
N VAL D 567 1.50 -9.06 -11.62
CA VAL D 567 0.55 -7.97 -11.86
C VAL D 567 -0.19 -7.64 -10.58
N MET D 568 -0.46 -8.65 -9.74
CA MET D 568 -1.01 -8.36 -8.41
C MET D 568 -0.01 -7.61 -7.52
N THR D 569 1.29 -7.90 -7.63
CA THR D 569 2.27 -7.16 -6.84
C THR D 569 2.51 -5.75 -7.34
N LEU D 570 1.91 -5.36 -8.45
CA LEU D 570 1.80 -3.98 -8.93
C LEU D 570 3.18 -3.36 -9.15
N GLU D 571 3.86 -3.92 -10.14
CA GLU D 571 5.10 -3.32 -10.62
C GLU D 571 5.26 -3.61 -12.09
N SER D 572 5.29 -2.54 -12.90
CA SER D 572 5.58 -2.57 -14.32
C SER D 572 4.64 -3.49 -15.08
N TRP D 573 3.38 -3.48 -14.67
CA TRP D 573 2.38 -4.09 -15.53
C TRP D 573 2.17 -3.26 -16.78
N SER D 574 2.40 -1.95 -16.71
CA SER D 574 2.30 -1.14 -17.91
C SER D 574 3.53 -1.27 -18.79
N MET D 575 4.69 -0.83 -18.28
CA MET D 575 5.89 -0.73 -19.10
C MET D 575 6.69 -2.02 -19.15
N GLY D 576 6.16 -3.10 -18.59
CA GLY D 576 6.80 -4.39 -18.76
C GLY D 576 5.88 -5.43 -19.34
N ILE D 577 4.56 -5.26 -19.16
CA ILE D 577 3.58 -6.23 -19.61
C ILE D 577 2.60 -5.63 -20.62
N VAL D 578 2.13 -4.39 -20.40
CA VAL D 578 1.09 -3.86 -21.28
C VAL D 578 1.67 -3.43 -22.63
N ARG D 579 2.70 -2.60 -22.63
CA ARG D 579 3.19 -2.02 -23.88
C ARG D 579 3.74 -3.03 -24.90
N PRO D 580 4.31 -4.18 -24.53
CA PRO D 580 4.44 -5.23 -25.54
C PRO D 580 3.12 -5.88 -25.94
N LEU D 581 2.11 -5.86 -25.06
CA LEU D 581 0.86 -6.55 -25.37
C LEU D 581 -0.01 -5.72 -26.30
N MET D 582 -0.01 -4.40 -26.15
CA MET D 582 -0.77 -3.52 -27.03
C MET D 582 -0.08 -3.28 -28.36
N GLU D 583 1.15 -3.76 -28.52
CA GLU D 583 1.78 -3.73 -29.84
C GLU D 583 1.18 -4.77 -30.77
N VAL D 584 0.51 -5.78 -30.23
CA VAL D 584 -0.16 -6.80 -31.04
C VAL D 584 -1.67 -6.75 -30.83
N TYR D 585 -2.13 -6.90 -29.59
CA TYR D 585 -3.55 -6.96 -29.29
C TYR D 585 -4.00 -5.59 -28.82
N PRO D 586 -4.82 -4.86 -29.59
CA PRO D 586 -5.23 -3.52 -29.20
C PRO D 586 -6.40 -3.48 -28.23
N TYR D 587 -6.93 -4.63 -27.83
CA TYR D 587 -8.02 -4.69 -26.86
C TYR D 587 -7.74 -5.79 -25.85
N ALA D 588 -6.51 -5.79 -25.34
CA ALA D 588 -6.12 -6.62 -24.22
C ALA D 588 -6.02 -5.84 -22.92
N TRP D 589 -6.32 -4.55 -22.94
CA TRP D 589 -6.29 -3.77 -21.71
C TRP D 589 -7.46 -4.14 -20.81
N VAL D 590 -8.63 -4.39 -21.40
CA VAL D 590 -9.85 -4.68 -20.63
C VAL D 590 -9.83 -6.08 -20.03
N PHE D 591 -8.76 -6.84 -20.23
CA PHE D 591 -8.54 -8.05 -19.45
C PHE D 591 -7.78 -7.73 -18.16
N PHE D 592 -6.83 -6.79 -18.22
CA PHE D 592 -6.04 -6.43 -17.04
C PHE D 592 -6.78 -5.52 -16.09
N ILE D 593 -7.48 -4.51 -16.63
CA ILE D 593 -8.05 -3.45 -15.78
C ILE D 593 -9.09 -3.95 -14.77
N PRO D 594 -9.93 -4.96 -15.07
CA PRO D 594 -10.67 -5.56 -13.96
C PRO D 594 -9.80 -6.35 -13.00
N PHE D 595 -8.74 -7.00 -13.49
CA PHE D 595 -7.98 -7.95 -12.68
C PHE D 595 -7.16 -7.25 -11.61
N ILE D 596 -6.44 -6.18 -12.00
CA ILE D 596 -5.64 -5.37 -11.10
C ILE D 596 -6.53 -4.70 -10.06
N PHE D 597 -7.80 -4.46 -10.40
CA PHE D 597 -8.74 -3.96 -9.41
C PHE D 597 -9.15 -5.04 -8.43
N VAL D 598 -9.58 -6.20 -8.94
CA VAL D 598 -10.27 -7.16 -8.08
C VAL D 598 -9.30 -7.86 -7.13
N VAL D 599 -8.08 -8.16 -7.57
CA VAL D 599 -7.24 -8.95 -6.69
C VAL D 599 -6.55 -8.07 -5.66
N THR D 600 -6.19 -6.83 -6.03
CA THR D 600 -5.68 -5.90 -5.04
C THR D 600 -6.78 -5.46 -4.06
N PHE D 601 -8.03 -5.41 -4.52
CA PHE D 601 -9.14 -5.12 -3.63
C PHE D 601 -9.36 -6.26 -2.62
N VAL D 602 -9.18 -7.50 -3.04
CA VAL D 602 -9.28 -8.63 -2.10
C VAL D 602 -8.09 -8.62 -1.14
N MET D 603 -6.90 -8.21 -1.62
CA MET D 603 -5.74 -8.12 -0.73
C MET D 603 -5.90 -6.97 0.27
N ILE D 604 -6.72 -5.97 -0.06
CA ILE D 604 -7.07 -4.95 0.92
C ILE D 604 -8.10 -5.50 1.90
N ASN D 605 -9.06 -6.31 1.40
CA ASN D 605 -10.07 -6.92 2.26
C ASN D 605 -9.46 -7.85 3.30
N LEU D 606 -8.31 -8.46 2.98
CA LEU D 606 -7.57 -9.22 3.98
C LEU D 606 -7.14 -8.34 5.16
N VAL D 607 -6.70 -7.11 4.85
CA VAL D 607 -6.29 -6.17 5.89
C VAL D 607 -7.50 -5.76 6.73
N VAL D 608 -8.65 -5.61 6.07
CA VAL D 608 -9.90 -5.32 6.78
C VAL D 608 -10.24 -6.44 7.75
N ALA D 609 -10.12 -7.70 7.30
CA ALA D 609 -10.45 -8.85 8.14
C ALA D 609 -9.52 -8.96 9.34
N ILE D 610 -8.23 -8.73 9.13
CA ILE D 610 -7.31 -8.84 10.27
C ILE D 610 -7.45 -7.65 11.23
N ILE D 611 -7.86 -6.46 10.75
CA ILE D 611 -8.07 -5.35 11.69
C ILE D 611 -9.35 -5.57 12.51
N VAL D 612 -10.41 -6.09 11.89
CA VAL D 612 -11.62 -6.33 12.69
C VAL D 612 -11.43 -7.52 13.63
N ASP D 613 -10.57 -8.47 13.26
CA ASP D 613 -10.27 -9.54 14.18
C ASP D 613 -9.37 -9.05 15.32
N ALA D 614 -8.50 -8.08 15.06
CA ALA D 614 -7.70 -7.52 16.14
C ALA D 614 -8.46 -6.52 17.00
N MET D 615 -9.65 -6.09 16.58
CA MET D 615 -10.46 -5.28 17.50
C MET D 615 -11.61 -6.04 18.14
N ALA D 616 -11.95 -7.24 17.65
CA ALA D 616 -13.01 -8.02 18.28
C ALA D 616 -12.64 -8.44 19.70
N ILE D 617 -11.36 -8.78 19.91
CA ILE D 617 -10.88 -9.13 21.24
C ILE D 617 -10.89 -7.91 22.15
N LEU D 618 -10.67 -6.72 21.59
CA LEU D 618 -10.73 -5.49 22.36
C LEU D 618 -12.16 -5.16 22.79
N ASN D 619 -13.09 -5.15 21.85
CA ASN D 619 -14.49 -4.83 22.14
C ASN D 619 -15.23 -5.96 22.84
N GLN D 620 -14.61 -7.13 23.00
CA GLN D 620 -15.15 -8.15 23.89
C GLN D 620 -15.10 -7.73 25.36
N LYS D 621 -14.24 -6.79 25.74
CA LYS D 621 -13.99 -6.47 27.13
C LYS D 621 -14.99 -5.50 27.74
N GLU D 622 -16.15 -5.30 27.11
CA GLU D 622 -17.22 -4.48 27.66
C GLU D 622 -18.49 -5.26 27.93
N GLU D 623 -18.48 -6.58 27.71
CA GLU D 623 -19.64 -7.41 27.98
C GLU D 623 -19.20 -8.77 28.51
#